data_4WI1
#
_entry.id   4WI1
#
_cell.length_a   148.180
_cell.length_b   91.340
_cell.length_c   110.910
_cell.angle_alpha   90.000
_cell.angle_beta   129.530
_cell.angle_gamma   90.000
#
_symmetry.space_group_name_H-M   'C 1 2 1'
#
loop_
_entity.id
_entity.type
_entity.pdbx_description
1 polymer 'Proline--tRNA ligase'
2 non-polymer 1-(4-fluorophenyl)-3-[4-(4-fluorophenyl)-1-methyl-3-(trifluoromethyl)-1H-pyrazol-5-yl]urea
3 non-polymer 1,2-ETHANEDIOL
4 non-polymer 'MAGNESIUM ION'
5 non-polymer IMIDAZOLE
6 non-polymer 'CHLORIDE ION'
7 water water
#
_entity_poly.entity_id   1
_entity_poly.type   'polypeptide(L)'
_entity_poly.pdbx_seq_one_letter_code
;MAHHHHHHSNILGITSKKIENFSDWYTQVIVKSELIEYYDISGCYILRPAAYYIWECVQAFFNKEIKKLNVENSYFPLFV
TKNKLEKEKNHIEGFSPEVAWVTKYGDSNLPEEIAIRPTSETIMYSVFPKWIRSYRDLPLKLNQWNTVVRWEFKQPTPFI
RTREFLWQEGHTAHKNEEEAVKLVFDILDLYRRWYEEYLAVPIIKGIKSEGEKFGGANFTSTAEAFISENGRAIQAATSH
YLGTNFAKMFKIEFEDENEVKQYVHQTSWGCTTRSIGIMIMTHGDDKGLVLPPNVSKYKVVIVPIFYKTTDENAIHSYCK
DIEKILKNAQINCVYDDRASYSPGYKFNHWELRGIPIRIEVGPKDLQNNSCVIVRRDNNEKCNVKKESVLLETQQMLVDI
HKNLFLKAKKKLDDSIVQVTSFSEVMNALNKKKMVLAPWCEDIATEEEIKKETQRLSLNQTNSETTLSGAMKPLCIPLDQ
PPMPPNMKCFWSGKPAKRWCLFGRSY
;
_entity_poly.pdbx_strand_id   A,B
#
loop_
_chem_comp.id
_chem_comp.type
_chem_comp.name
_chem_comp.formula
3O6 non-polymer 1-(4-fluorophenyl)-3-[4-(4-fluorophenyl)-1-methyl-3-(trifluoromethyl)-1H-pyrazol-5-yl]urea 'C18 H13 F5 N4 O'
CL non-polymer 'CHLORIDE ION' 'Cl -1'
EDO non-polymer 1,2-ETHANEDIOL 'C2 H6 O2'
IMD non-polymer IMIDAZOLE 'C3 H5 N2 1'
MG non-polymer 'MAGNESIUM ION' 'Mg 2'
#
# COMPACT_ATOMS: atom_id res chain seq x y z
N ALA A 2 8.29 -21.97 36.99
CA ALA A 2 8.63 -21.20 35.80
C ALA A 2 10.03 -21.58 35.30
N HIS A 3 10.13 -21.91 34.01
CA HIS A 3 11.38 -22.47 33.47
C HIS A 3 12.31 -21.42 32.85
N HIS A 4 13.58 -21.51 33.23
CA HIS A 4 14.62 -20.70 32.62
C HIS A 4 15.21 -21.45 31.43
N HIS A 5 15.37 -20.76 30.31
CA HIS A 5 15.89 -21.35 29.09
C HIS A 5 17.32 -20.88 28.85
N HIS A 6 18.29 -21.75 29.13
CA HIS A 6 19.68 -21.33 28.95
C HIS A 6 20.17 -21.50 27.51
N HIS A 7 19.83 -22.65 26.92
CA HIS A 7 20.31 -23.04 25.61
C HIS A 7 19.18 -23.00 24.58
N HIS A 8 19.37 -22.26 23.49
CA HIS A 8 18.46 -22.32 22.34
C HIS A 8 18.66 -23.68 21.68
N SER A 9 17.64 -24.54 21.76
CA SER A 9 17.76 -25.90 21.24
C SER A 9 18.10 -25.93 19.75
N ASN A 10 18.81 -26.97 19.33
CA ASN A 10 19.19 -27.13 17.93
C ASN A 10 18.01 -27.07 16.97
N ILE A 11 16.92 -27.74 17.34
CA ILE A 11 15.75 -27.84 16.46
C ILE A 11 15.10 -26.48 16.18
N LEU A 12 15.30 -25.52 17.08
CA LEU A 12 14.69 -24.20 16.91
C LEU A 12 15.52 -23.29 16.02
N GLY A 13 16.77 -23.69 15.78
CA GLY A 13 17.66 -22.96 14.89
C GLY A 13 17.57 -23.54 13.50
N ILE A 14 18.48 -23.13 12.62
CA ILE A 14 18.53 -23.68 11.28
C ILE A 14 19.35 -24.97 11.31
N THR A 15 18.72 -26.09 10.95
CA THR A 15 19.38 -27.39 11.09
C THR A 15 19.97 -27.91 9.79
N SER A 16 19.70 -27.20 8.70
CA SER A 16 20.31 -27.52 7.40
C SER A 16 21.30 -26.43 7.03
N LYS A 17 22.48 -26.84 6.55
CA LYS A 17 23.46 -25.86 6.09
C LYS A 17 23.10 -25.38 4.69
N LYS A 18 23.30 -24.08 4.46
CA LYS A 18 22.97 -23.43 3.19
C LYS A 18 23.61 -24.15 1.99
N ILE A 19 24.87 -24.54 2.14
CA ILE A 19 25.62 -25.13 1.05
C ILE A 19 25.24 -26.61 0.82
N GLU A 20 24.94 -27.32 1.90
CA GLU A 20 24.70 -28.76 1.82
C GLU A 20 23.26 -29.14 1.46
N ASN A 21 22.30 -28.36 1.94
CA ASN A 21 20.90 -28.58 1.61
C ASN A 21 20.18 -27.25 1.45
N PHE A 22 20.38 -26.61 0.30
CA PHE A 22 19.93 -25.24 0.07
C PHE A 22 18.41 -25.11 0.17
N SER A 23 17.68 -26.04 -0.42
CA SER A 23 16.22 -25.95 -0.43
C SER A 23 15.65 -26.04 0.98
N ASP A 24 16.14 -26.98 1.78
CA ASP A 24 15.64 -27.12 3.13
C ASP A 24 16.11 -25.96 4.00
N TRP A 25 17.36 -25.54 3.82
CA TRP A 25 17.88 -24.34 4.48
C TRP A 25 16.94 -23.14 4.24
N TYR A 26 16.59 -22.89 2.99
CA TYR A 26 15.74 -21.75 2.64
C TYR A 26 14.38 -21.78 3.35
N THR A 27 13.67 -22.90 3.27
CA THR A 27 12.35 -22.93 3.88
C THR A 27 12.45 -22.83 5.40
N GLN A 28 13.53 -23.34 6.00
CA GLN A 28 13.72 -23.18 7.44
C GLN A 28 13.94 -21.72 7.80
N VAL A 29 14.73 -21.01 6.99
CA VAL A 29 15.06 -19.62 7.30
C VAL A 29 13.82 -18.72 7.23
N ILE A 30 13.00 -18.88 6.19
CA ILE A 30 11.88 -17.95 6.03
C ILE A 30 10.81 -18.16 7.09
N VAL A 31 10.69 -19.38 7.60
CA VAL A 31 9.68 -19.66 8.62
C VAL A 31 10.24 -19.36 10.03
N LYS A 32 11.43 -19.86 10.30
CA LYS A 32 11.97 -19.72 11.65
C LYS A 32 12.38 -18.26 11.95
N SER A 33 12.65 -17.47 10.92
CA SER A 33 12.92 -16.04 11.12
C SER A 33 11.67 -15.21 11.32
N GLU A 34 10.51 -15.86 11.19
CA GLU A 34 9.18 -15.24 11.32
C GLU A 34 8.79 -14.34 10.15
N LEU A 35 9.43 -14.51 9.01
CA LEU A 35 8.97 -13.85 7.79
C LEU A 35 7.61 -14.37 7.32
N ILE A 36 7.50 -15.68 7.15
CA ILE A 36 6.25 -16.24 6.66
C ILE A 36 5.76 -17.40 7.51
N GLU A 37 4.48 -17.71 7.34
CA GLU A 37 3.89 -18.87 7.99
C GLU A 37 3.08 -19.63 6.97
N TYR A 38 3.35 -20.92 6.82
CA TYR A 38 2.59 -21.73 5.87
C TYR A 38 1.22 -22.05 6.47
N TYR A 39 0.18 -21.90 5.66
CA TYR A 39 -1.17 -22.23 6.09
C TYR A 39 -1.52 -23.66 5.74
N GLY A 43 -0.45 -25.02 -0.23
CA GLY A 43 0.92 -24.57 -0.10
C GLY A 43 1.07 -23.06 -0.02
N CYS A 44 -0.03 -22.36 0.22
CA CYS A 44 0.01 -20.91 0.34
CA CYS A 44 0.02 -20.91 0.33
C CYS A 44 0.62 -20.52 1.67
N TYR A 45 1.02 -19.25 1.80
CA TYR A 45 1.63 -18.79 3.03
C TYR A 45 1.19 -17.36 3.36
N ILE A 46 1.40 -16.99 4.61
CA ILE A 46 1.11 -15.67 5.15
C ILE A 46 2.37 -14.83 5.22
N LEU A 47 2.31 -13.58 4.78
CA LEU A 47 3.41 -12.65 4.99
C LEU A 47 3.21 -12.03 6.37
N ARG A 48 4.03 -12.47 7.31
CA ARG A 48 3.99 -11.93 8.66
C ARG A 48 4.61 -10.52 8.62
N PRO A 49 4.46 -9.73 9.70
CA PRO A 49 4.98 -8.37 9.72
C PRO A 49 6.43 -8.19 9.26
N ALA A 50 7.35 -9.09 9.62
CA ALA A 50 8.73 -8.92 9.21
C ALA A 50 8.88 -9.01 7.68
N ALA A 51 8.10 -9.88 7.04
CA ALA A 51 8.10 -9.94 5.58
C ALA A 51 7.46 -8.72 4.96
N TYR A 52 6.28 -8.37 5.46
CA TYR A 52 5.54 -7.28 4.86
C TYR A 52 6.30 -5.97 5.00
N TYR A 53 7.05 -5.84 6.09
CA TYR A 53 7.82 -4.63 6.35
C TYR A 53 8.80 -4.40 5.20
N ILE A 54 9.46 -5.47 4.74
CA ILE A 54 10.39 -5.35 3.60
C ILE A 54 9.67 -4.84 2.35
N TRP A 55 8.52 -5.44 2.05
CA TRP A 55 7.71 -5.00 0.92
C TRP A 55 7.32 -3.55 1.06
N GLU A 56 6.89 -3.17 2.25
CA GLU A 56 6.46 -1.79 2.46
C GLU A 56 7.62 -0.80 2.26
N CYS A 57 8.83 -1.20 2.63
CA CYS A 57 10.01 -0.34 2.42
C CYS A 57 10.30 -0.09 0.95
N VAL A 58 10.29 -1.16 0.15
CA VAL A 58 10.62 -0.99 -1.27
C VAL A 58 9.43 -0.35 -1.99
N GLN A 59 8.21 -0.58 -1.50
CA GLN A 59 7.01 0.08 -2.01
C GLN A 59 7.10 1.59 -1.84
N ALA A 60 7.48 2.03 -0.65
CA ALA A 60 7.66 3.47 -0.38
C ALA A 60 8.71 4.10 -1.31
N PHE A 61 9.85 3.44 -1.48
CA PHE A 61 10.88 3.92 -2.37
C PHE A 61 10.37 4.03 -3.81
N PHE A 62 9.79 2.96 -4.31
CA PHE A 62 9.42 2.92 -5.71
C PHE A 62 8.31 3.93 -5.99
N ASN A 63 7.34 4.02 -5.09
CA ASN A 63 6.27 5.02 -5.21
C ASN A 63 6.84 6.44 -5.35
N LYS A 64 7.79 6.78 -4.48
CA LYS A 64 8.40 8.11 -4.49
C LYS A 64 9.05 8.38 -5.83
N GLU A 65 9.78 7.39 -6.34
CA GLU A 65 10.52 7.57 -7.57
C GLU A 65 9.62 7.57 -8.80
N ILE A 66 8.61 6.72 -8.87
CA ILE A 66 7.79 6.74 -10.09
C ILE A 66 6.88 7.97 -10.11
N LYS A 67 6.57 8.51 -8.94
CA LYS A 67 5.80 9.76 -8.94
C LYS A 67 6.62 10.95 -9.49
N LYS A 68 7.95 10.91 -9.34
CA LYS A 68 8.81 11.93 -9.96
C LYS A 68 8.74 11.86 -11.48
N LEU A 69 8.39 10.68 -11.99
CA LEU A 69 8.21 10.46 -13.41
C LEU A 69 6.75 10.67 -13.84
N ASN A 70 5.95 11.19 -12.94
CA ASN A 70 4.54 11.47 -13.17
C ASN A 70 3.70 10.21 -13.39
N VAL A 71 4.16 9.09 -12.84
CA VAL A 71 3.36 7.87 -12.87
C VAL A 71 2.30 7.99 -11.78
N GLU A 72 1.07 7.62 -12.10
CA GLU A 72 -0.04 7.68 -11.14
C GLU A 72 -0.51 6.29 -10.71
N ASN A 73 -0.67 6.09 -9.40
CA ASN A 73 -1.22 4.82 -8.95
C ASN A 73 -2.72 4.75 -9.26
N SER A 74 -3.18 3.51 -9.39
CA SER A 74 -4.54 3.21 -9.86
C SER A 74 -4.86 1.78 -9.43
N TYR A 75 -6.10 1.34 -9.64
CA TYR A 75 -6.35 -0.09 -9.44
C TYR A 75 -7.38 -0.62 -10.45
N PHE A 76 -6.96 -1.64 -11.19
CA PHE A 76 -7.75 -2.32 -12.20
C PHE A 76 -8.05 -3.73 -11.66
N PRO A 77 -9.31 -4.00 -11.29
CA PRO A 77 -9.58 -5.29 -10.60
C PRO A 77 -9.75 -6.50 -11.50
N LEU A 78 -9.90 -6.31 -12.82
CA LEU A 78 -10.25 -7.43 -13.69
C LEU A 78 -9.02 -8.00 -14.38
N PHE A 79 -8.80 -9.30 -14.18
CA PHE A 79 -7.64 -10.02 -14.71
C PHE A 79 -8.08 -11.20 -15.58
N VAL A 80 -7.22 -11.64 -16.49
CA VAL A 80 -7.52 -12.86 -17.25
C VAL A 80 -6.25 -13.72 -17.31
N THR A 81 -6.42 -15.04 -17.31
CA THR A 81 -5.27 -15.95 -17.47
C THR A 81 -5.03 -16.26 -18.94
N SER A 120 -1.40 -14.68 -16.26
CA SER A 120 -2.23 -13.68 -15.61
C SER A 120 -1.93 -12.27 -16.10
N GLU A 121 -2.95 -11.56 -16.56
CA GLU A 121 -2.76 -10.22 -17.09
C GLU A 121 -3.99 -9.35 -16.86
N THR A 122 -3.75 -8.06 -16.75
CA THR A 122 -4.80 -7.13 -16.35
C THR A 122 -5.58 -6.66 -17.56
N ILE A 123 -6.91 -6.62 -17.45
CA ILE A 123 -7.72 -6.06 -18.52
C ILE A 123 -7.58 -4.55 -18.43
N MET A 124 -7.06 -3.91 -19.47
CA MET A 124 -6.61 -2.52 -19.35
C MET A 124 -6.50 -1.83 -20.71
N TYR A 125 -5.72 -2.43 -21.61
CA TYR A 125 -5.43 -1.73 -22.87
C TYR A 125 -6.69 -1.50 -23.72
N SER A 126 -7.65 -2.41 -23.65
CA SER A 126 -8.92 -2.23 -24.35
C SER A 126 -9.68 -1.01 -23.86
N VAL A 127 -9.32 -0.49 -22.68
CA VAL A 127 -9.99 0.69 -22.14
C VAL A 127 -9.29 1.97 -22.59
N PHE A 128 -8.00 1.87 -22.91
CA PHE A 128 -7.21 3.07 -23.26
C PHE A 128 -7.82 3.98 -24.37
N PRO A 129 -8.49 3.41 -25.39
CA PRO A 129 -9.07 4.33 -26.39
C PRO A 129 -10.09 5.31 -25.80
N LYS A 130 -10.69 4.96 -24.67
CA LYS A 130 -11.67 5.83 -24.02
C LYS A 130 -11.03 7.03 -23.35
N TRP A 131 -9.71 6.99 -23.21
CA TRP A 131 -9.01 8.00 -22.43
C TRP A 131 -8.01 8.81 -23.24
N ILE A 132 -7.84 8.43 -24.50
CA ILE A 132 -6.78 9.04 -25.32
C ILE A 132 -7.37 9.46 -26.64
N ARG A 133 -7.30 10.75 -26.95
CA ARG A 133 -7.76 11.24 -28.24
C ARG A 133 -6.71 12.11 -28.94
N SER A 134 -5.93 12.85 -28.15
CA SER A 134 -4.92 13.73 -28.74
C SER A 134 -3.64 13.69 -27.95
N TYR A 135 -2.58 14.30 -28.48
CA TYR A 135 -1.29 14.30 -27.81
C TYR A 135 -1.37 14.93 -26.42
N ARG A 136 -2.38 15.79 -26.21
CA ARG A 136 -2.58 16.43 -24.91
C ARG A 136 -2.97 15.42 -23.83
N ASP A 137 -3.45 14.24 -24.25
CA ASP A 137 -3.82 13.16 -23.33
C ASP A 137 -2.65 12.27 -22.96
N LEU A 138 -1.46 12.60 -23.48
CA LEU A 138 -0.28 11.77 -23.35
C LEU A 138 0.84 12.55 -22.65
N PRO A 139 1.75 11.83 -21.97
CA PRO A 139 1.73 10.37 -21.79
C PRO A 139 0.72 9.95 -20.75
N LEU A 140 0.18 8.75 -20.93
CA LEU A 140 -0.64 8.12 -19.89
C LEU A 140 0.29 7.23 -19.09
N LYS A 141 0.34 7.42 -17.76
CA LYS A 141 1.29 6.68 -16.93
C LYS A 141 0.60 6.12 -15.69
N LEU A 142 0.48 4.80 -15.63
CA LEU A 142 -0.28 4.13 -14.57
C LEU A 142 0.56 3.08 -13.86
N ASN A 143 0.34 2.92 -12.57
CA ASN A 143 0.94 1.84 -11.80
C ASN A 143 -0.11 1.23 -10.90
N GLN A 144 0.06 -0.06 -10.61
CA GLN A 144 -0.83 -0.76 -9.68
CA GLN A 144 -0.84 -0.80 -9.74
C GLN A 144 -0.03 -1.62 -8.73
N TRP A 145 -0.45 -1.59 -7.47
CA TRP A 145 0.08 -2.45 -6.42
C TRP A 145 -0.94 -3.56 -6.21
N ASN A 146 -0.59 -4.77 -6.67
CA ASN A 146 -1.50 -5.90 -6.73
C ASN A 146 -1.27 -6.96 -5.65
N THR A 147 -2.33 -7.69 -5.34
CA THR A 147 -2.27 -8.85 -4.47
C THR A 147 -2.87 -10.05 -5.21
N VAL A 148 -2.37 -11.25 -4.95
CA VAL A 148 -2.90 -12.48 -5.57
C VAL A 148 -2.27 -13.72 -4.96
N ARG A 163 3.04 -18.38 -6.16
CA ARG A 163 4.15 -18.55 -5.24
C ARG A 163 4.62 -17.19 -4.68
N GLU A 164 4.21 -16.11 -5.34
CA GLU A 164 4.39 -14.75 -4.84
C GLU A 164 3.03 -14.06 -4.78
N PHE A 165 2.73 -13.39 -3.67
CA PHE A 165 1.38 -12.88 -3.46
C PHE A 165 1.22 -11.38 -3.69
N LEU A 166 2.32 -10.65 -3.79
CA LEU A 166 2.29 -9.20 -3.97
CA LEU A 166 2.26 -9.21 -3.99
C LEU A 166 3.22 -8.76 -5.09
N TRP A 167 2.80 -7.79 -5.87
CA TRP A 167 3.67 -7.26 -6.90
C TRP A 167 3.20 -5.90 -7.32
N GLN A 168 3.99 -5.32 -8.18
CA GLN A 168 3.82 -4.00 -8.70
C GLN A 168 3.81 -4.15 -10.21
N GLU A 169 2.87 -3.56 -10.95
CA GLU A 169 3.07 -3.44 -12.40
CA GLU A 169 3.00 -3.47 -12.41
C GLU A 169 2.63 -2.08 -12.93
N GLY A 170 3.46 -1.55 -13.82
CA GLY A 170 3.22 -0.24 -14.40
C GLY A 170 2.98 -0.35 -15.89
N HIS A 171 2.26 0.61 -16.44
CA HIS A 171 1.89 0.63 -17.86
C HIS A 171 1.88 2.05 -18.34
N THR A 172 2.51 2.33 -19.47
CA THR A 172 2.47 3.70 -19.98
C THR A 172 2.20 3.72 -21.48
N ALA A 173 1.76 4.89 -21.93
CA ALA A 173 1.51 5.11 -23.37
C ALA A 173 2.03 6.49 -23.74
N HIS A 174 2.79 6.57 -24.84
CA HIS A 174 3.51 7.79 -25.23
C HIS A 174 3.23 8.16 -26.66
N LYS A 175 3.51 9.42 -26.98
CA LYS A 175 3.28 9.91 -28.33
C LYS A 175 4.34 9.44 -29.32
N ASN A 176 5.46 8.91 -28.84
CA ASN A 176 6.51 8.46 -29.75
C ASN A 176 7.37 7.39 -29.08
N GLU A 177 8.23 6.78 -29.89
CA GLU A 177 9.07 5.70 -29.46
C GLU A 177 10.16 6.15 -28.46
N GLU A 178 10.83 7.26 -28.76
CA GLU A 178 11.99 7.63 -27.94
C GLU A 178 11.58 7.90 -26.49
N GLU A 179 10.42 8.50 -26.29
CA GLU A 179 9.89 8.73 -24.92
C GLU A 179 9.62 7.42 -24.19
N ALA A 180 8.99 6.48 -24.89
CA ALA A 180 8.66 5.20 -24.30
C ALA A 180 9.93 4.45 -23.91
N VAL A 181 10.91 4.42 -24.82
CA VAL A 181 12.12 3.65 -24.57
C VAL A 181 12.94 4.30 -23.45
N LYS A 182 12.98 5.64 -23.41
CA LYS A 182 13.62 6.30 -22.26
C LYS A 182 12.99 5.83 -20.94
N LEU A 183 11.67 5.79 -20.90
CA LEU A 183 10.99 5.42 -19.66
C LEU A 183 11.31 3.96 -19.30
N VAL A 184 11.37 3.07 -20.29
CA VAL A 184 11.71 1.68 -20.04
C VAL A 184 13.02 1.60 -19.27
N PHE A 185 14.03 2.35 -19.71
CA PHE A 185 15.32 2.27 -19.04
C PHE A 185 15.38 3.08 -17.75
N ASP A 186 14.57 4.13 -17.64
CA ASP A 186 14.44 4.80 -16.34
C ASP A 186 13.88 3.85 -15.29
N ILE A 187 12.82 3.14 -15.64
CA ILE A 187 12.24 2.18 -14.69
C ILE A 187 13.24 1.06 -14.38
N LEU A 188 13.95 0.60 -15.40
CA LEU A 188 14.93 -0.47 -15.18
C LEU A 188 16.00 -0.01 -14.17
N ASP A 189 16.40 1.26 -14.22
CA ASP A 189 17.39 1.67 -13.23
C ASP A 189 16.76 1.81 -11.84
N LEU A 190 15.47 2.14 -11.77
CA LEU A 190 14.81 2.14 -10.47
C LEU A 190 14.79 0.73 -9.87
N TYR A 191 14.62 -0.29 -10.72
CA TYR A 191 14.68 -1.68 -10.22
C TYR A 191 16.09 -2.00 -9.75
N ARG A 192 17.12 -1.52 -10.47
CA ARG A 192 18.49 -1.68 -9.99
C ARG A 192 18.62 -1.11 -8.57
N ARG A 193 18.08 0.08 -8.38
CA ARG A 193 18.18 0.73 -7.07
C ARG A 193 17.37 0.04 -5.98
N TRP A 194 16.18 -0.46 -6.32
CA TRP A 194 15.37 -1.27 -5.41
C TRP A 194 16.24 -2.41 -4.88
N TYR A 195 16.86 -3.13 -5.79
CA TYR A 195 17.69 -4.25 -5.38
C TYR A 195 18.97 -3.82 -4.67
N GLU A 196 19.66 -2.82 -5.21
N GLU A 196 19.70 -2.86 -5.22
CA GLU A 196 21.00 -2.50 -4.73
CA GLU A 196 20.98 -2.48 -4.61
C GLU A 196 21.04 -1.56 -3.50
C GLU A 196 20.82 -1.73 -3.31
N GLU A 197 20.08 -0.63 -3.38
CA GLU A 197 20.04 0.31 -2.25
C GLU A 197 19.22 -0.19 -1.07
N TYR A 198 18.25 -1.06 -1.34
CA TYR A 198 17.39 -1.54 -0.27
C TYR A 198 17.67 -2.98 0.10
N LEU A 199 17.89 -3.82 -0.90
CA LEU A 199 18.07 -5.24 -0.64
C LEU A 199 19.54 -5.65 -0.64
N ALA A 200 20.44 -4.72 -1.00
CA ALA A 200 21.88 -4.98 -1.10
C ALA A 200 22.19 -6.16 -2.05
N VAL A 201 21.40 -6.25 -3.11
CA VAL A 201 21.54 -7.30 -4.10
C VAL A 201 22.01 -6.71 -5.43
N PRO A 202 23.13 -7.20 -5.95
CA PRO A 202 23.58 -6.76 -7.29
C PRO A 202 22.80 -7.42 -8.39
N ILE A 203 22.48 -6.68 -9.47
CA ILE A 203 21.84 -7.30 -10.62
C ILE A 203 22.60 -6.94 -11.90
N ILE A 204 22.27 -7.64 -12.97
CA ILE A 204 22.86 -7.35 -14.29
C ILE A 204 21.72 -6.91 -15.20
N LYS A 205 21.88 -5.73 -15.80
CA LYS A 205 20.90 -5.26 -16.79
C LYS A 205 21.17 -5.85 -18.15
N GLY A 206 20.10 -6.21 -18.86
CA GLY A 206 20.28 -6.75 -20.20
C GLY A 206 18.99 -6.78 -20.99
N ILE A 207 19.11 -7.26 -22.22
CA ILE A 207 17.97 -7.42 -23.11
C ILE A 207 17.72 -8.93 -23.27
N LYS A 208 16.47 -9.35 -23.14
CA LYS A 208 16.14 -10.75 -23.38
C LYS A 208 16.34 -11.15 -24.83
N SER A 209 16.69 -12.42 -25.05
CA SER A 209 16.74 -12.98 -26.40
C SER A 209 15.36 -12.94 -27.02
N GLU A 210 15.28 -13.08 -28.34
CA GLU A 210 13.99 -13.06 -29.03
C GLU A 210 13.08 -14.19 -28.57
N GLY A 211 13.68 -15.34 -28.25
CA GLY A 211 12.91 -16.48 -27.78
C GLY A 211 12.42 -16.37 -26.36
N GLU A 212 12.97 -15.45 -25.58
CA GLU A 212 12.63 -15.37 -24.16
C GLU A 212 11.88 -14.08 -23.79
N LYS A 213 11.83 -13.13 -24.72
N LYS A 213 11.83 -13.13 -24.72
CA LYS A 213 11.14 -11.87 -24.46
CA LYS A 213 11.14 -11.88 -24.46
C LYS A 213 9.63 -12.08 -24.48
C LYS A 213 9.64 -12.12 -24.41
N PHE A 214 8.91 -11.13 -23.89
CA PHE A 214 7.45 -11.18 -23.90
C PHE A 214 6.95 -11.11 -25.35
N GLY A 215 5.98 -11.97 -25.68
CA GLY A 215 5.49 -12.04 -27.04
C GLY A 215 4.97 -10.73 -27.58
N GLY A 216 4.34 -9.94 -26.71
CA GLY A 216 3.79 -8.67 -27.13
C GLY A 216 4.78 -7.50 -27.11
N ALA A 217 6.03 -7.79 -26.76
CA ALA A 217 7.04 -6.74 -26.66
C ALA A 217 7.92 -6.60 -27.89
N ASN A 218 8.28 -5.37 -28.21
N ASN A 218 8.28 -5.37 -28.24
CA ASN A 218 9.33 -5.09 -29.18
CA ASN A 218 9.35 -5.15 -29.20
C ASN A 218 10.66 -5.57 -28.62
C ASN A 218 10.64 -5.67 -28.58
N PHE A 219 10.92 -5.22 -27.36
CA PHE A 219 12.02 -5.81 -26.61
C PHE A 219 11.68 -5.82 -25.13
N THR A 220 12.29 -6.76 -24.42
CA THR A 220 12.11 -6.90 -22.99
C THR A 220 13.47 -6.66 -22.36
N SER A 221 13.58 -5.63 -21.52
CA SER A 221 14.81 -5.45 -20.75
C SER A 221 14.58 -6.10 -19.40
N THR A 222 15.66 -6.52 -18.76
CA THR A 222 15.55 -7.29 -17.54
CA THR A 222 15.55 -7.26 -17.51
C THR A 222 16.69 -6.94 -16.57
N ALA A 223 16.43 -7.15 -15.30
CA ALA A 223 17.46 -7.19 -14.27
C ALA A 223 17.60 -8.65 -13.91
N GLU A 224 18.81 -9.19 -14.02
CA GLU A 224 19.04 -10.61 -13.71
C GLU A 224 19.85 -10.74 -12.42
N ALA A 225 19.45 -11.69 -11.58
CA ALA A 225 20.20 -12.00 -10.38
C ALA A 225 20.71 -13.44 -10.46
N PHE A 226 21.62 -13.79 -9.57
CA PHE A 226 22.17 -15.15 -9.57
C PHE A 226 22.29 -15.70 -8.16
N ILE A 227 21.80 -16.91 -7.96
CA ILE A 227 21.94 -17.60 -6.68
C ILE A 227 23.13 -18.55 -6.78
N SER A 228 24.24 -18.14 -6.19
CA SER A 228 25.50 -18.88 -6.34
C SER A 228 25.44 -20.27 -5.72
N GLU A 229 24.73 -20.40 -4.60
CA GLU A 229 24.73 -21.67 -3.87
C GLU A 229 24.16 -22.83 -4.67
N ASN A 230 23.23 -22.57 -5.58
CA ASN A 230 22.72 -23.65 -6.42
C ASN A 230 22.91 -23.40 -7.91
N GLY A 231 23.66 -22.35 -8.24
CA GLY A 231 24.01 -22.05 -9.61
C GLY A 231 22.84 -21.67 -10.50
N ARG A 232 21.83 -21.04 -9.90
CA ARG A 232 20.61 -20.71 -10.62
C ARG A 232 20.47 -19.21 -10.84
N ALA A 233 20.23 -18.82 -12.09
CA ALA A 233 19.90 -17.44 -12.41
C ALA A 233 18.42 -17.20 -12.15
N ILE A 234 18.06 -15.95 -11.89
CA ILE A 234 16.67 -15.62 -11.70
CA ILE A 234 16.66 -15.59 -11.67
C ILE A 234 16.38 -14.23 -12.24
N GLN A 235 15.28 -14.12 -12.98
CA GLN A 235 14.80 -12.84 -13.46
CA GLN A 235 14.82 -12.83 -13.47
C GLN A 235 14.34 -12.01 -12.27
N ALA A 236 14.95 -10.85 -12.05
CA ALA A 236 14.71 -10.05 -10.85
C ALA A 236 13.66 -8.97 -11.08
N ALA A 237 13.57 -8.45 -12.30
CA ALA A 237 12.55 -7.45 -12.62
C ALA A 237 12.54 -7.32 -14.14
N THR A 238 11.47 -6.75 -14.68
CA THR A 238 11.40 -6.62 -16.14
CA THR A 238 11.26 -6.70 -16.12
C THR A 238 10.77 -5.32 -16.56
N SER A 239 11.23 -4.84 -17.71
CA SER A 239 10.73 -3.58 -18.25
C SER A 239 10.66 -3.68 -19.76
N HIS A 240 9.44 -3.63 -20.29
CA HIS A 240 9.17 -3.92 -21.70
C HIS A 240 8.88 -2.67 -22.52
N TYR A 241 9.47 -2.59 -23.70
CA TYR A 241 8.98 -1.66 -24.73
C TYR A 241 8.01 -2.43 -25.63
N LEU A 242 6.75 -2.03 -25.63
CA LEU A 242 5.71 -2.78 -26.34
C LEU A 242 5.42 -2.23 -27.74
N GLY A 243 6.11 -1.14 -28.10
CA GLY A 243 5.90 -0.53 -29.42
C GLY A 243 4.44 -0.17 -29.62
N THR A 244 3.94 -0.47 -30.82
CA THR A 244 2.57 -0.11 -31.19
C THR A 244 1.68 -1.34 -31.30
N ASN A 245 2.16 -2.45 -30.76
CA ASN A 245 1.48 -3.73 -30.91
CA ASN A 245 1.47 -3.74 -30.90
C ASN A 245 0.04 -3.68 -30.39
N PHE A 246 -0.14 -3.23 -29.16
CA PHE A 246 -1.50 -3.20 -28.61
C PHE A 246 -2.31 -2.01 -29.13
N ALA A 247 -1.63 -0.93 -29.52
CA ALA A 247 -2.32 0.19 -30.16
C ALA A 247 -3.04 -0.24 -31.42
N LYS A 248 -2.43 -1.15 -32.20
CA LYS A 248 -3.07 -1.64 -33.42
C LYS A 248 -4.24 -2.56 -33.12
N MET A 249 -4.09 -3.37 -32.07
CA MET A 249 -5.14 -4.31 -31.66
C MET A 249 -6.44 -3.61 -31.25
N PHE A 250 -6.27 -2.52 -30.50
CA PHE A 250 -7.41 -1.86 -29.85
C PHE A 250 -7.67 -0.46 -30.39
N LYS A 251 -6.94 -0.09 -31.45
CA LYS A 251 -7.07 1.23 -32.07
C LYS A 251 -6.81 2.33 -31.05
N ILE A 252 -5.68 2.22 -30.36
CA ILE A 252 -5.29 3.23 -29.40
C ILE A 252 -4.48 4.30 -30.15
N GLU A 253 -5.21 5.28 -30.67
CA GLU A 253 -4.63 6.29 -31.54
C GLU A 253 -4.83 7.67 -30.97
N PHE A 254 -4.05 8.62 -31.46
CA PHE A 254 -4.22 10.00 -31.02
C PHE A 254 -3.90 10.92 -32.18
N GLU A 255 -4.46 12.12 -32.13
CA GLU A 255 -4.12 13.16 -33.09
C GLU A 255 -2.88 13.88 -32.59
N ASP A 256 -1.81 13.92 -33.39
CA ASP A 256 -0.56 14.48 -32.91
C ASP A 256 -0.58 15.98 -33.10
N GLU A 257 0.54 16.62 -32.73
CA GLU A 257 0.63 18.06 -32.78
C GLU A 257 0.49 18.62 -34.20
N ASN A 258 0.76 17.79 -35.20
CA ASN A 258 0.62 18.20 -36.60
C ASN A 258 -0.73 17.79 -37.21
N GLU A 259 -1.65 17.38 -36.33
CA GLU A 259 -3.00 16.98 -36.71
C GLU A 259 -2.98 15.70 -37.56
N VAL A 260 -1.96 14.88 -37.34
CA VAL A 260 -1.80 13.61 -38.03
C VAL A 260 -2.08 12.50 -37.02
N LYS A 261 -2.88 11.51 -37.40
CA LYS A 261 -3.21 10.43 -36.48
C LYS A 261 -2.03 9.49 -36.34
N GLN A 262 -1.80 9.02 -35.11
CA GLN A 262 -0.67 8.13 -34.82
C GLN A 262 -1.08 7.07 -33.81
N TYR A 263 -0.34 5.97 -33.78
CA TYR A 263 -0.50 4.97 -32.71
C TYR A 263 0.30 5.38 -31.48
N VAL A 264 -0.23 5.10 -30.29
CA VAL A 264 0.59 5.27 -29.07
C VAL A 264 1.67 4.21 -29.00
N HIS A 265 2.76 4.56 -28.30
CA HIS A 265 3.87 3.66 -28.00
C HIS A 265 3.78 3.28 -26.53
N GLN A 266 3.76 1.98 -26.24
CA GLN A 266 3.49 1.55 -24.86
C GLN A 266 4.69 0.89 -24.16
N THR A 267 4.63 0.92 -22.83
CA THR A 267 5.59 0.19 -22.00
C THR A 267 4.83 -0.55 -20.92
N SER A 268 5.47 -1.57 -20.34
CA SER A 268 4.96 -2.16 -19.11
C SER A 268 6.15 -2.70 -18.35
N TRP A 269 5.99 -2.83 -17.04
CA TRP A 269 7.15 -3.19 -16.20
C TRP A 269 6.64 -3.68 -14.87
N GLY A 270 7.37 -4.62 -14.26
CA GLY A 270 6.92 -5.12 -12.98
C GLY A 270 8.01 -5.78 -12.16
N CYS A 271 7.69 -5.96 -10.87
CA CYS A 271 8.60 -6.54 -9.89
C CYS A 271 7.74 -7.10 -8.79
N THR A 272 8.11 -8.26 -8.26
CA THR A 272 7.27 -8.98 -7.29
C THR A 272 8.01 -9.21 -5.98
N THR A 273 7.36 -9.91 -5.05
CA THR A 273 8.03 -10.26 -3.79
C THR A 273 9.11 -11.32 -3.96
N ARG A 274 9.26 -11.83 -5.18
CA ARG A 274 10.45 -12.63 -5.53
C ARG A 274 11.72 -11.89 -5.13
N SER A 275 11.67 -10.57 -5.21
CA SER A 275 12.81 -9.73 -4.84
C SER A 275 13.26 -10.00 -3.41
N ILE A 276 12.29 -10.19 -2.52
CA ILE A 276 12.63 -10.48 -1.12
C ILE A 276 13.28 -11.86 -1.00
N GLY A 277 12.72 -12.85 -1.71
CA GLY A 277 13.33 -14.17 -1.76
C GLY A 277 14.76 -14.13 -2.27
N ILE A 278 15.02 -13.37 -3.32
CA ILE A 278 16.39 -13.22 -3.83
C ILE A 278 17.32 -12.65 -2.77
N MET A 279 16.83 -11.63 -2.06
CA MET A 279 17.57 -11.02 -0.95
CA MET A 279 17.59 -11.03 -0.98
C MET A 279 17.94 -12.05 0.11
N ILE A 280 16.96 -12.83 0.56
CA ILE A 280 17.24 -13.83 1.59
C ILE A 280 18.24 -14.88 1.12
N MET A 281 18.07 -15.38 -0.10
CA MET A 281 18.99 -16.36 -0.64
C MET A 281 20.41 -15.80 -0.76
N THR A 282 20.49 -14.49 -1.02
CA THR A 282 21.79 -13.85 -1.19
C THR A 282 22.52 -13.72 0.15
N HIS A 283 21.86 -13.15 1.15
CA HIS A 283 22.56 -12.80 2.39
C HIS A 283 22.44 -13.79 3.54
N GLY A 284 21.45 -14.67 3.46
CA GLY A 284 21.19 -15.58 4.56
C GLY A 284 22.40 -16.45 4.82
N ASP A 285 22.55 -16.89 6.06
CA ASP A 285 23.66 -17.75 6.39
C ASP A 285 23.19 -18.91 7.28
N ASP A 286 24.14 -19.66 7.87
CA ASP A 286 23.73 -20.84 8.59
C ASP A 286 23.10 -20.49 9.95
N LYS A 287 23.17 -19.22 10.36
CA LYS A 287 22.52 -18.80 11.58
C LYS A 287 21.11 -18.27 11.31
N GLY A 288 20.77 -18.08 10.03
CA GLY A 288 19.43 -17.69 9.67
C GLY A 288 19.38 -16.45 8.81
N LEU A 289 18.34 -15.66 9.01
CA LEU A 289 18.09 -14.48 8.19
C LEU A 289 19.17 -13.42 8.42
N VAL A 290 19.59 -12.76 7.34
CA VAL A 290 20.43 -11.58 7.45
C VAL A 290 19.76 -10.44 6.70
N LEU A 291 19.44 -9.36 7.39
CA LEU A 291 18.70 -8.25 6.75
C LEU A 291 19.56 -7.04 6.54
N PRO A 292 19.54 -6.49 5.31
CA PRO A 292 20.08 -5.14 5.14
C PRO A 292 19.33 -4.23 6.10
N PRO A 293 20.03 -3.32 6.80
CA PRO A 293 19.38 -2.44 7.77
C PRO A 293 18.13 -1.73 7.22
N ASN A 294 18.15 -1.34 5.94
CA ASN A 294 17.07 -0.55 5.34
C ASN A 294 15.75 -1.29 5.27
N VAL A 295 15.76 -2.61 5.49
CA VAL A 295 14.49 -3.32 5.44
C VAL A 295 14.26 -4.14 6.70
N SER A 296 14.93 -3.76 7.79
CA SER A 296 14.68 -4.35 9.11
C SER A 296 13.99 -3.34 10.01
N LYS A 297 12.90 -3.74 10.67
CA LYS A 297 12.18 -2.81 11.53
C LYS A 297 13.05 -2.36 12.70
N TYR A 298 13.57 -3.33 13.42
CA TYR A 298 14.56 -3.07 14.46
C TYR A 298 15.96 -3.10 13.87
N LYS A 299 16.71 -2.02 14.08
CA LYS A 299 18.11 -1.94 13.64
C LYS A 299 19.07 -2.58 14.64
N VAL A 300 18.66 -2.55 15.91
CA VAL A 300 19.52 -2.98 17.03
C VAL A 300 18.69 -3.78 18.03
N VAL A 301 19.27 -4.85 18.57
CA VAL A 301 18.72 -5.51 19.76
C VAL A 301 19.72 -5.32 20.89
N ILE A 302 19.20 -4.90 22.04
CA ILE A 302 20.01 -4.69 23.25
C ILE A 302 19.78 -5.85 24.19
N VAL A 303 20.85 -6.52 24.60
CA VAL A 303 20.72 -7.70 25.46
C VAL A 303 21.45 -7.46 26.78
N PRO A 304 20.71 -7.56 27.88
CA PRO A 304 21.29 -7.38 29.21
C PRO A 304 21.99 -8.64 29.66
N ILE A 305 23.15 -8.49 30.27
CA ILE A 305 23.89 -9.62 30.84
C ILE A 305 24.06 -9.41 32.33
N PHE A 306 23.48 -10.28 33.15
CA PHE A 306 23.73 -10.25 34.57
C PHE A 306 23.30 -11.57 35.17
N TYR A 307 23.88 -11.91 36.33
CA TYR A 307 23.62 -13.18 36.98
C TYR A 307 23.30 -12.97 38.45
N LYS A 308 23.54 -11.76 38.94
CA LYS A 308 23.29 -11.42 40.33
C LYS A 308 22.20 -10.37 40.39
N THR A 309 21.31 -10.50 41.38
CA THR A 309 20.22 -9.54 41.53
C THR A 309 20.77 -8.16 41.86
N THR A 310 21.95 -8.13 42.47
CA THR A 310 22.58 -6.87 42.85
C THR A 310 22.99 -6.05 41.63
N ASP A 311 23.13 -6.70 40.48
CA ASP A 311 23.48 -5.99 39.24
C ASP A 311 22.28 -5.59 38.39
N GLU A 312 21.11 -6.14 38.72
CA GLU A 312 19.95 -6.04 37.83
C GLU A 312 19.53 -4.60 37.53
N ASN A 313 19.38 -3.78 38.57
CA ASN A 313 18.91 -2.41 38.38
C ASN A 313 19.86 -1.57 37.52
N ALA A 314 21.16 -1.69 37.77
CA ALA A 314 22.14 -0.87 37.05
C ALA A 314 22.23 -1.29 35.59
N ILE A 315 22.20 -2.60 35.35
CA ILE A 315 22.23 -3.11 33.98
C ILE A 315 20.96 -2.70 33.22
N HIS A 316 19.81 -2.88 33.86
CA HIS A 316 18.53 -2.54 33.24
C HIS A 316 18.49 -1.06 32.90
N SER A 317 18.89 -0.22 33.85
CA SER A 317 18.89 1.22 33.66
C SER A 317 19.78 1.65 32.49
N TYR A 318 20.96 1.03 32.38
CA TYR A 318 21.95 1.34 31.35
C TYR A 318 21.44 0.95 29.97
N CYS A 319 20.86 -0.24 29.88
CA CYS A 319 20.21 -0.69 28.66
C CYS A 319 19.10 0.28 28.21
N LYS A 320 18.27 0.71 29.16
CA LYS A 320 17.23 1.69 28.85
C LYS A 320 17.84 3.00 28.37
N ASP A 321 18.99 3.37 28.94
CA ASP A 321 19.70 4.58 28.49
C ASP A 321 20.07 4.48 27.02
N ILE A 322 20.60 3.33 26.62
CA ILE A 322 21.03 3.11 25.25
C ILE A 322 19.81 3.05 24.33
N GLU A 323 18.76 2.39 24.79
CA GLU A 323 17.50 2.32 24.04
C GLU A 323 16.97 3.71 23.74
N LYS A 324 17.03 4.59 24.75
CA LYS A 324 16.56 5.96 24.61
C LYS A 324 17.41 6.74 23.61
N ILE A 325 18.73 6.60 23.72
CA ILE A 325 19.66 7.25 22.80
C ILE A 325 19.34 6.93 21.34
N LEU A 326 19.14 5.64 21.06
CA LEU A 326 18.87 5.19 19.70
C LEU A 326 17.49 5.65 19.21
N LYS A 327 16.46 5.46 20.04
CA LYS A 327 15.11 5.79 19.61
C LYS A 327 14.92 7.29 19.46
N ASN A 328 15.61 8.08 20.30
CA ASN A 328 15.55 9.54 20.17
C ASN A 328 16.16 10.00 18.85
N ALA A 329 17.02 9.16 18.28
CA ALA A 329 17.68 9.45 17.02
C ALA A 329 16.97 8.76 15.85
N GLN A 330 15.73 8.32 16.11
CA GLN A 330 14.89 7.67 15.11
C GLN A 330 15.47 6.34 14.63
N ILE A 331 16.26 5.70 15.49
CA ILE A 331 16.76 4.36 15.21
C ILE A 331 15.95 3.36 16.03
N ASN A 332 15.01 2.66 15.41
CA ASN A 332 14.17 1.73 16.15
C ASN A 332 15.00 0.54 16.62
N CYS A 333 14.66 0.04 17.81
CA CYS A 333 15.40 -1.05 18.39
C CYS A 333 14.54 -1.80 19.38
N VAL A 334 15.04 -2.93 19.85
CA VAL A 334 14.33 -3.72 20.84
C VAL A 334 15.27 -4.02 21.98
N TYR A 335 14.77 -3.84 23.20
CA TYR A 335 15.49 -4.20 24.41
C TYR A 335 14.88 -5.49 24.94
N ASP A 336 15.62 -6.60 24.83
CA ASP A 336 15.09 -7.89 25.25
C ASP A 336 15.40 -8.14 26.72
N ASP A 337 14.48 -7.75 27.58
CA ASP A 337 14.67 -7.86 29.02
C ASP A 337 13.95 -9.06 29.64
N ARG A 338 13.56 -10.02 28.81
CA ARG A 338 12.93 -11.25 29.32
C ARG A 338 13.83 -11.98 30.32
N ALA A 339 13.27 -12.32 31.49
CA ALA A 339 14.06 -12.91 32.56
C ALA A 339 14.23 -14.43 32.38
N SER A 340 13.36 -15.03 31.59
CA SER A 340 13.31 -16.49 31.49
C SER A 340 14.27 -17.05 30.45
N TYR A 341 15.01 -16.18 29.77
CA TYR A 341 15.90 -16.60 28.69
C TYR A 341 17.31 -16.06 28.96
N SER A 342 18.31 -16.90 28.79
CA SER A 342 19.68 -16.47 29.01
C SER A 342 20.13 -15.50 27.93
N PRO A 343 21.20 -14.73 28.19
CA PRO A 343 21.77 -13.90 27.11
C PRO A 343 22.12 -14.70 25.87
N GLY A 344 22.77 -15.85 26.05
CA GLY A 344 23.14 -16.70 24.93
C GLY A 344 21.95 -17.15 24.10
N TYR A 345 20.84 -17.46 24.77
CA TYR A 345 19.63 -17.81 24.06
C TYR A 345 19.21 -16.65 23.19
N LYS A 346 19.21 -15.46 23.79
CA LYS A 346 18.76 -14.26 23.09
C LYS A 346 19.65 -13.95 21.90
N PHE A 347 20.97 -14.15 22.05
CA PHE A 347 21.88 -13.94 20.93
C PHE A 347 21.40 -14.72 19.72
N ASN A 348 21.18 -16.02 19.92
CA ASN A 348 20.72 -16.91 18.85
C ASN A 348 19.34 -16.53 18.34
N HIS A 349 18.44 -16.20 19.27
CA HIS A 349 17.06 -15.84 18.95
C HIS A 349 17.04 -14.68 17.95
N TRP A 350 17.81 -13.63 18.23
CA TRP A 350 17.74 -12.45 17.39
C TRP A 350 18.63 -12.55 16.14
N GLU A 351 19.68 -13.36 16.18
CA GLU A 351 20.44 -13.65 14.96
C GLU A 351 19.56 -14.36 13.93
N LEU A 352 18.79 -15.34 14.39
CA LEU A 352 17.86 -16.04 13.52
C LEU A 352 16.88 -15.07 12.82
N ARG A 353 16.54 -13.99 13.51
CA ARG A 353 15.53 -13.05 13.02
C ARG A 353 16.15 -11.91 12.20
N GLY A 354 17.47 -11.93 12.06
CA GLY A 354 18.13 -11.03 11.14
C GLY A 354 18.41 -9.62 11.63
N ILE A 355 18.38 -9.40 12.95
CA ILE A 355 18.64 -8.06 13.46
C ILE A 355 20.09 -7.65 13.14
N PRO A 356 20.28 -6.49 12.48
CA PRO A 356 21.63 -6.14 12.01
C PRO A 356 22.70 -5.97 13.08
N ILE A 357 22.32 -5.46 14.25
CA ILE A 357 23.29 -5.16 15.29
C ILE A 357 22.79 -5.59 16.65
N ARG A 358 23.64 -6.25 17.43
CA ARG A 358 23.36 -6.54 18.81
C ARG A 358 24.26 -5.70 19.70
N ILE A 359 23.68 -5.09 20.72
CA ILE A 359 24.47 -4.42 21.75
C ILE A 359 24.33 -5.20 23.04
N GLU A 360 25.46 -5.65 23.59
CA GLU A 360 25.49 -6.37 24.86
C GLU A 360 25.95 -5.45 25.98
N VAL A 361 25.28 -5.57 27.13
CA VAL A 361 25.65 -4.80 28.30
C VAL A 361 25.75 -5.72 29.51
N GLY A 362 26.96 -5.93 30.00
CA GLY A 362 27.17 -6.68 31.24
C GLY A 362 27.86 -5.83 32.29
N PRO A 363 28.10 -6.39 33.48
CA PRO A 363 28.75 -5.64 34.55
C PRO A 363 30.10 -5.05 34.13
N LYS A 364 30.82 -5.72 33.22
CA LYS A 364 32.11 -5.21 32.75
C LYS A 364 31.96 -3.87 32.01
N ASP A 365 30.80 -3.67 31.40
CA ASP A 365 30.56 -2.49 30.59
C ASP A 365 30.15 -1.33 31.46
N LEU A 366 29.47 -1.62 32.56
CA LEU A 366 29.16 -0.60 33.55
C LEU A 366 30.45 0.00 34.08
N GLN A 367 31.39 -0.88 34.41
CA GLN A 367 32.66 -0.49 35.00
C GLN A 367 33.54 0.28 34.01
N ASN A 368 33.34 0.03 32.73
CA ASN A 368 34.17 0.67 31.70
C ASN A 368 33.42 1.75 30.93
N ASN A 369 32.19 2.03 31.36
CA ASN A 369 31.25 2.90 30.66
C ASN A 369 31.22 2.63 29.17
N SER A 370 31.15 1.35 28.83
CA SER A 370 31.17 0.92 27.46
C SER A 370 30.01 -0.01 27.17
N CYS A 371 30.13 -0.74 26.07
CA CYS A 371 29.21 -1.81 25.72
C CYS A 371 29.87 -2.61 24.61
N VAL A 372 29.29 -3.74 24.26
CA VAL A 372 29.84 -4.54 23.18
C VAL A 372 28.87 -4.52 22.02
N ILE A 373 29.37 -4.15 20.85
CA ILE A 373 28.52 -4.09 19.66
C ILE A 373 28.93 -5.20 18.68
N VAL A 374 27.96 -6.01 18.28
CA VAL A 374 28.21 -7.18 17.43
C VAL A 374 27.41 -7.07 16.13
N ARG A 375 28.10 -7.14 14.99
CA ARG A 375 27.47 -7.10 13.67
C ARG A 375 26.93 -8.44 13.23
N ARG A 376 25.71 -8.45 12.70
CA ARG A 376 25.11 -9.71 12.25
C ARG A 376 25.79 -10.28 11.00
N ASP A 377 26.23 -9.43 10.08
CA ASP A 377 26.78 -9.94 8.82
C ASP A 377 28.09 -10.71 8.99
N ASN A 378 29.02 -10.23 9.83
CA ASN A 378 30.29 -10.95 9.95
C ASN A 378 30.67 -11.35 11.38
N ASN A 379 29.75 -11.10 12.31
CA ASN A 379 29.91 -11.45 13.72
C ASN A 379 31.10 -10.77 14.39
N GLU A 380 31.61 -9.70 13.80
CA GLU A 380 32.72 -9.00 14.46
C GLU A 380 32.19 -8.17 15.64
N LYS A 381 32.99 -8.10 16.70
CA LYS A 381 32.60 -7.42 17.92
C LYS A 381 33.57 -6.29 18.22
N CYS A 382 33.07 -5.24 18.86
CA CYS A 382 33.95 -4.19 19.34
C CYS A 382 33.42 -3.55 20.60
N ASN A 383 34.31 -2.99 21.41
CA ASN A 383 33.91 -2.23 22.58
C ASN A 383 33.65 -0.78 22.17
N VAL A 384 32.54 -0.22 22.62
CA VAL A 384 32.20 1.16 22.29
C VAL A 384 31.83 1.95 23.54
N LYS A 385 32.43 3.11 23.72
CA LYS A 385 32.10 3.97 24.85
C LYS A 385 30.64 4.44 24.70
N LYS A 386 29.95 4.56 25.82
CA LYS A 386 28.52 4.87 25.82
C LYS A 386 28.17 6.09 24.99
N GLU A 387 28.96 7.15 25.14
CA GLU A 387 28.70 8.41 24.44
C GLU A 387 28.96 8.30 22.94
N SER A 388 29.56 7.19 22.52
CA SER A 388 29.89 6.99 21.12
C SER A 388 28.96 6.00 20.44
N VAL A 389 28.04 5.43 21.22
CA VAL A 389 27.15 4.38 20.73
C VAL A 389 26.30 4.86 19.53
N LEU A 390 25.75 6.07 19.62
CA LEU A 390 24.91 6.59 18.55
C LEU A 390 25.67 6.69 17.23
N LEU A 391 26.80 7.39 17.24
CA LEU A 391 27.56 7.59 16.01
C LEU A 391 28.07 6.26 15.46
N GLU A 392 28.64 5.43 16.32
CA GLU A 392 29.19 4.17 15.83
C GLU A 392 28.10 3.24 15.31
N THR A 393 26.91 3.32 15.90
CA THR A 393 25.78 2.52 15.42
C THR A 393 25.33 3.01 14.03
N GLN A 394 25.23 4.33 13.87
CA GLN A 394 24.89 4.90 12.58
C GLN A 394 25.87 4.48 11.49
N GLN A 395 27.17 4.59 11.80
CA GLN A 395 28.20 4.25 10.84
C GLN A 395 28.20 2.74 10.55
N MET A 396 27.97 1.92 11.58
CA MET A 396 27.96 0.48 11.39
C MET A 396 26.79 0.01 10.50
N LEU A 397 25.62 0.62 10.65
CA LEU A 397 24.47 0.25 9.81
C LEU A 397 24.78 0.52 8.35
N VAL A 398 25.45 1.63 8.10
CA VAL A 398 25.89 1.96 6.74
C VAL A 398 26.91 0.93 6.27
N ASP A 399 27.86 0.56 7.13
CA ASP A 399 28.90 -0.36 6.68
C ASP A 399 28.38 -1.77 6.46
N ILE A 400 27.34 -2.15 7.21
CA ILE A 400 26.77 -3.48 7.05
C ILE A 400 26.14 -3.58 5.66
N HIS A 401 25.39 -2.55 5.26
CA HIS A 401 24.80 -2.56 3.92
C HIS A 401 25.89 -2.64 2.85
N LYS A 402 26.92 -1.81 3.00
CA LYS A 402 28.01 -1.79 2.03
C LYS A 402 28.69 -3.16 1.96
N ASN A 403 28.92 -3.78 3.12
CA ASN A 403 29.57 -5.07 3.13
C ASN A 403 28.71 -6.17 2.50
N LEU A 404 27.42 -6.15 2.82
CA LEU A 404 26.50 -7.12 2.26
C LEU A 404 26.50 -7.02 0.74
N PHE A 405 26.45 -5.79 0.23
CA PHE A 405 26.40 -5.58 -1.21
C PHE A 405 27.71 -5.98 -1.89
N LEU A 406 28.84 -5.54 -1.33
CA LEU A 406 30.14 -5.84 -1.93
C LEU A 406 30.44 -7.32 -1.95
N LYS A 407 30.12 -8.03 -0.87
CA LYS A 407 30.34 -9.48 -0.82
C LYS A 407 29.45 -10.18 -1.85
N ALA A 408 28.22 -9.69 -2.03
CA ALA A 408 27.30 -10.28 -2.97
C ALA A 408 27.75 -9.99 -4.40
N LYS A 409 28.27 -8.79 -4.61
CA LYS A 409 28.76 -8.38 -5.93
C LYS A 409 29.98 -9.22 -6.31
N LYS A 410 30.83 -9.51 -5.33
CA LYS A 410 32.00 -10.32 -5.64
C LYS A 410 31.55 -11.73 -6.04
N LYS A 411 30.53 -12.25 -5.34
CA LYS A 411 30.02 -13.58 -5.67
C LYS A 411 29.35 -13.60 -7.04
N LEU A 412 28.60 -12.54 -7.37
CA LEU A 412 28.01 -12.44 -8.70
C LEU A 412 29.11 -12.45 -9.77
N ASP A 413 30.13 -11.61 -9.58
CA ASP A 413 31.23 -11.51 -10.55
C ASP A 413 31.92 -12.85 -10.75
N ASP A 414 32.10 -13.58 -9.65
CA ASP A 414 32.83 -14.85 -9.69
C ASP A 414 31.96 -15.97 -10.25
N SER A 415 30.68 -15.68 -10.44
CA SER A 415 29.76 -16.69 -10.95
C SER A 415 29.69 -16.70 -12.46
N ILE A 416 30.38 -15.76 -13.10
CA ILE A 416 30.35 -15.65 -14.55
C ILE A 416 31.66 -16.09 -15.17
N VAL A 417 31.59 -17.09 -16.04
CA VAL A 417 32.78 -17.52 -16.76
CA VAL A 417 32.76 -17.58 -16.76
C VAL A 417 32.63 -17.17 -18.23
N GLN A 418 33.62 -16.47 -18.74
CA GLN A 418 33.60 -16.06 -20.14
C GLN A 418 34.15 -17.21 -20.98
N VAL A 419 33.35 -17.69 -21.91
CA VAL A 419 33.76 -18.80 -22.79
C VAL A 419 33.69 -18.37 -24.25
N THR A 420 34.38 -19.12 -25.10
CA THR A 420 34.30 -18.86 -26.54
C THR A 420 33.82 -20.09 -27.29
N SER A 421 33.84 -21.24 -26.63
CA SER A 421 33.41 -22.49 -27.24
C SER A 421 32.47 -23.28 -26.34
N PHE A 422 31.58 -24.06 -26.96
CA PHE A 422 30.59 -24.83 -26.20
C PHE A 422 31.26 -25.91 -25.35
N SER A 423 32.49 -26.29 -25.71
CA SER A 423 33.20 -27.32 -24.97
C SER A 423 33.54 -26.88 -23.55
N GLU A 424 33.52 -25.57 -23.31
CA GLU A 424 33.81 -25.02 -21.99
C GLU A 424 32.55 -24.90 -21.12
N VAL A 425 31.39 -25.11 -21.73
CA VAL A 425 30.13 -24.75 -21.06
C VAL A 425 29.74 -25.68 -19.92
N MET A 426 29.81 -27.00 -20.14
CA MET A 426 29.36 -27.94 -19.11
C MET A 426 30.18 -27.84 -17.85
N ASN A 427 31.49 -27.70 -18.01
CA ASN A 427 32.39 -27.56 -16.87
C ASN A 427 31.98 -26.37 -16.02
N ALA A 428 31.56 -25.30 -16.70
CA ALA A 428 31.12 -24.09 -16.03
C ALA A 428 29.82 -24.31 -15.26
N LEU A 429 28.84 -24.92 -15.91
CA LEU A 429 27.54 -25.12 -15.30
C LEU A 429 27.64 -26.02 -14.07
N ASN A 430 28.53 -27.01 -14.13
CA ASN A 430 28.69 -27.96 -13.03
C ASN A 430 29.42 -27.34 -11.85
N LYS A 431 30.14 -26.25 -12.10
CA LYS A 431 30.76 -25.47 -11.03
C LYS A 431 29.78 -24.41 -10.53
N LYS A 432 28.50 -24.58 -10.91
CA LYS A 432 27.41 -23.67 -10.56
C LYS A 432 27.65 -22.24 -11.02
N LYS A 433 28.13 -22.09 -12.26
CA LYS A 433 28.32 -20.80 -12.86
C LYS A 433 27.34 -20.58 -13.99
N MET A 434 27.24 -19.34 -14.46
CA MET A 434 26.64 -19.09 -15.76
C MET A 434 27.76 -18.71 -16.71
N VAL A 435 27.48 -18.71 -18.00
CA VAL A 435 28.53 -18.41 -18.96
C VAL A 435 28.20 -17.17 -19.76
N LEU A 436 29.26 -16.42 -20.09
CA LEU A 436 29.13 -15.30 -21.00
C LEU A 436 29.79 -15.72 -22.30
N ALA A 437 29.00 -15.82 -23.36
CA ALA A 437 29.45 -16.44 -24.60
C ALA A 437 29.13 -15.58 -25.82
N PRO A 438 30.01 -15.62 -26.83
CA PRO A 438 29.68 -14.94 -28.07
C PRO A 438 28.60 -15.72 -28.81
N TRP A 439 27.58 -15.03 -29.32
CA TRP A 439 26.39 -15.71 -29.80
C TRP A 439 25.83 -15.06 -31.05
N CYS A 440 25.38 -15.89 -31.99
CA CYS A 440 24.85 -15.38 -33.25
C CYS A 440 23.43 -14.83 -33.10
N GLU A 441 22.79 -15.17 -31.98
CA GLU A 441 21.44 -14.69 -31.61
C GLU A 441 20.32 -15.23 -32.50
N ASP A 442 20.59 -16.29 -33.25
CA ASP A 442 19.55 -16.96 -34.05
C ASP A 442 18.55 -17.67 -33.15
N ILE A 443 17.28 -17.28 -33.26
CA ILE A 443 16.26 -17.76 -32.33
C ILE A 443 16.12 -19.30 -32.32
N ALA A 444 16.45 -19.93 -33.44
CA ALA A 444 16.35 -21.38 -33.53
C ALA A 444 17.33 -22.06 -32.58
N THR A 445 18.47 -21.43 -32.34
CA THR A 445 19.51 -22.03 -31.53
C THR A 445 19.17 -22.08 -30.04
N GLU A 446 18.21 -21.27 -29.62
CA GLU A 446 17.88 -21.18 -28.20
C GLU A 446 17.38 -22.54 -27.68
N GLU A 447 16.45 -23.14 -28.40
CA GLU A 447 15.93 -24.46 -28.01
C GLU A 447 16.98 -25.55 -28.20
N GLU A 448 17.85 -25.38 -29.19
CA GLU A 448 18.91 -26.35 -29.45
C GLU A 448 19.92 -26.36 -28.31
N ILE A 449 20.27 -25.17 -27.83
CA ILE A 449 21.20 -25.03 -26.72
C ILE A 449 20.59 -25.61 -25.45
N LYS A 450 19.31 -25.33 -25.22
CA LYS A 450 18.61 -25.87 -24.07
C LYS A 450 18.55 -27.39 -24.10
N LYS A 451 18.14 -27.93 -25.24
CA LYS A 451 17.97 -29.38 -25.39
C LYS A 451 19.27 -30.15 -25.21
N GLU A 452 20.36 -29.62 -25.77
CA GLU A 452 21.65 -30.27 -25.65
C GLU A 452 22.22 -30.20 -24.24
N THR A 453 22.03 -29.06 -23.58
CA THR A 453 22.56 -28.92 -22.23
C THR A 453 21.75 -29.75 -21.24
N GLN A 454 20.45 -29.90 -21.51
CA GLN A 454 19.62 -30.82 -20.74
C GLN A 454 20.17 -32.24 -20.90
N ARG A 455 20.42 -32.62 -22.15
CA ARG A 455 20.90 -33.97 -22.47
C ARG A 455 22.23 -34.30 -21.80
N LEU A 456 23.17 -33.36 -21.84
CA LEU A 456 24.50 -33.59 -21.28
C LEU A 456 24.51 -33.48 -19.75
N SER A 457 23.36 -33.13 -19.18
CA SER A 457 23.19 -33.14 -17.74
C SER A 457 22.81 -34.54 -17.25
N SER A 468 15.22 -28.00 -16.18
CA SER A 468 15.82 -27.92 -14.85
C SER A 468 17.32 -28.19 -14.91
N GLY A 469 17.76 -28.89 -15.95
CA GLY A 469 19.17 -29.12 -16.17
C GLY A 469 19.69 -28.22 -17.29
N ALA A 470 18.77 -27.79 -18.14
CA ALA A 470 19.10 -27.00 -19.32
C ALA A 470 19.57 -25.60 -18.97
N MET A 471 20.40 -25.03 -19.83
CA MET A 471 20.71 -23.61 -19.72
C MET A 471 20.01 -22.85 -20.84
N LYS A 472 19.53 -21.66 -20.51
CA LYS A 472 18.78 -20.83 -21.44
C LYS A 472 19.43 -19.45 -21.52
N PRO A 473 19.14 -18.68 -22.58
CA PRO A 473 19.65 -17.31 -22.64
C PRO A 473 19.00 -16.47 -21.55
N LEU A 474 19.81 -15.83 -20.71
CA LEU A 474 19.32 -15.06 -19.60
C LEU A 474 19.08 -13.63 -20.07
N CYS A 475 20.15 -13.00 -20.54
CA CYS A 475 20.05 -11.67 -21.12
C CYS A 475 21.30 -11.37 -21.92
N ILE A 476 21.17 -10.48 -22.89
CA ILE A 476 22.29 -9.90 -23.59
C ILE A 476 22.64 -8.64 -22.80
N PRO A 477 23.74 -8.66 -22.05
CA PRO A 477 23.98 -7.54 -21.11
C PRO A 477 24.14 -6.20 -21.82
N LEU A 478 23.65 -5.12 -21.20
CA LEU A 478 23.88 -3.78 -21.73
C LEU A 478 25.36 -3.46 -21.79
N ASP A 479 26.10 -3.89 -20.78
CA ASP A 479 27.55 -3.72 -20.75
C ASP A 479 28.21 -4.85 -21.51
N GLN A 480 28.71 -4.55 -22.70
CA GLN A 480 29.28 -5.55 -23.61
C GLN A 480 30.80 -5.47 -23.63
N PRO A 481 31.49 -6.59 -23.37
CA PRO A 481 32.92 -6.62 -23.70
C PRO A 481 33.14 -6.47 -25.19
N PRO A 482 34.36 -6.09 -25.60
CA PRO A 482 34.66 -6.05 -27.03
C PRO A 482 34.38 -7.39 -27.72
N MET A 483 33.93 -7.33 -28.98
CA MET A 483 33.77 -8.55 -29.76
C MET A 483 34.92 -8.62 -30.75
N PRO A 484 35.85 -9.59 -30.57
CA PRO A 484 36.95 -9.75 -31.52
C PRO A 484 36.44 -9.92 -32.95
N PRO A 485 37.13 -9.29 -33.92
CA PRO A 485 36.76 -9.23 -35.34
C PRO A 485 36.20 -10.52 -35.93
N ASN A 486 36.85 -11.65 -35.65
CA ASN A 486 36.50 -12.92 -36.29
C ASN A 486 35.86 -13.92 -35.32
N MET A 487 35.42 -13.43 -34.16
CA MET A 487 34.85 -14.30 -33.15
CA MET A 487 34.85 -14.30 -33.15
C MET A 487 33.58 -14.99 -33.64
N LYS A 488 33.54 -16.31 -33.50
CA LYS A 488 32.38 -17.08 -33.95
C LYS A 488 31.42 -17.40 -32.81
N CYS A 489 30.17 -17.68 -33.16
CA CYS A 489 29.17 -18.12 -32.20
C CYS A 489 29.62 -19.42 -31.53
N PHE A 490 29.54 -19.47 -30.21
CA PHE A 490 30.02 -20.64 -29.46
C PHE A 490 29.20 -21.89 -29.78
N TRP A 491 28.03 -21.70 -30.37
CA TRP A 491 27.14 -22.80 -30.66
C TRP A 491 27.08 -23.15 -32.15
N SER A 492 26.82 -22.15 -32.99
CA SER A 492 26.56 -22.37 -34.40
C SER A 492 27.80 -22.28 -35.28
N GLY A 493 28.84 -21.63 -34.78
CA GLY A 493 30.04 -21.43 -35.56
C GLY A 493 29.91 -20.26 -36.52
N LYS A 494 28.68 -19.77 -36.68
CA LYS A 494 28.41 -18.57 -37.45
C LYS A 494 29.05 -17.37 -36.75
N PRO A 495 29.21 -16.23 -37.48
CA PRO A 495 29.76 -15.06 -36.82
C PRO A 495 28.96 -14.67 -35.58
N ALA A 496 29.65 -14.45 -34.47
CA ALA A 496 28.98 -13.99 -33.26
C ALA A 496 28.54 -12.55 -33.44
N LYS A 497 27.43 -12.20 -32.80
CA LYS A 497 26.96 -10.81 -32.81
C LYS A 497 27.33 -10.08 -31.52
N ARG A 498 26.80 -10.56 -30.40
CA ARG A 498 27.09 -9.95 -29.10
C ARG A 498 27.37 -11.03 -28.08
N TRP A 499 27.84 -10.64 -26.91
CA TRP A 499 27.99 -11.56 -25.79
C TRP A 499 26.64 -11.74 -25.10
N CYS A 500 26.28 -12.97 -24.79
CA CYS A 500 25.03 -13.25 -24.10
C CYS A 500 25.30 -14.09 -22.86
N LEU A 501 24.58 -13.83 -21.78
CA LEU A 501 24.65 -14.67 -20.60
C LEU A 501 23.72 -15.86 -20.73
N PHE A 502 24.24 -17.05 -20.47
CA PHE A 502 23.47 -18.29 -20.46
C PHE A 502 23.64 -18.95 -19.11
N GLY A 503 22.59 -19.57 -18.59
CA GLY A 503 22.70 -20.26 -17.34
C GLY A 503 21.51 -21.14 -17.03
N ARG A 504 21.67 -22.01 -16.04
CA ARG A 504 20.53 -22.70 -15.46
C ARG A 504 19.72 -21.67 -14.69
N SER A 505 18.40 -21.80 -14.71
CA SER A 505 17.55 -20.75 -14.18
C SER A 505 16.41 -21.27 -13.34
N TYR A 506 15.68 -20.34 -12.73
CA TYR A 506 14.43 -20.65 -12.08
C TYR A 506 13.29 -20.53 -13.08
N ASN B 10 -19.08 23.01 -25.35
CA ASN B 10 -19.79 22.07 -26.20
C ASN B 10 -20.04 20.74 -25.50
N ILE B 11 -19.28 20.48 -24.43
CA ILE B 11 -19.30 19.17 -23.77
C ILE B 11 -20.50 18.91 -22.84
N LEU B 12 -20.62 17.65 -22.43
CA LEU B 12 -21.66 17.23 -21.52
C LEU B 12 -21.16 17.27 -20.10
N GLY B 13 -21.81 18.08 -19.28
CA GLY B 13 -21.52 18.09 -17.86
C GLY B 13 -22.53 17.21 -17.17
N ILE B 14 -22.81 17.51 -15.91
CA ILE B 14 -23.80 16.76 -15.15
C ILE B 14 -25.19 17.20 -15.61
N THR B 15 -26.02 16.25 -16.03
CA THR B 15 -27.30 16.63 -16.63
C THR B 15 -28.49 16.35 -15.74
N SER B 16 -28.24 15.70 -14.60
CA SER B 16 -29.26 15.47 -13.60
C SER B 16 -28.91 16.24 -12.34
N LYS B 17 -29.90 16.88 -11.75
CA LYS B 17 -29.66 17.62 -10.51
C LYS B 17 -29.64 16.66 -9.33
N LYS B 18 -28.74 16.93 -8.37
CA LYS B 18 -28.59 16.10 -7.18
C LYS B 18 -29.91 15.91 -6.42
N ILE B 19 -30.69 16.97 -6.29
CA ILE B 19 -31.94 16.88 -5.51
C ILE B 19 -33.08 16.27 -6.30
N GLU B 20 -32.94 16.22 -7.62
CA GLU B 20 -34.02 15.75 -8.49
C GLU B 20 -33.89 14.25 -8.83
N ASN B 21 -32.68 13.82 -9.16
CA ASN B 21 -32.46 12.40 -9.41
C ASN B 21 -31.10 11.99 -8.91
N PHE B 22 -31.06 11.67 -7.62
CA PHE B 22 -29.82 11.46 -6.90
C PHE B 22 -28.98 10.33 -7.47
N SER B 23 -29.62 9.19 -7.74
CA SER B 23 -28.89 8.03 -8.23
C SER B 23 -28.27 8.30 -9.60
N ASP B 24 -29.02 8.97 -10.47
CA ASP B 24 -28.51 9.29 -11.79
C ASP B 24 -27.35 10.30 -11.70
N TRP B 25 -27.57 11.33 -10.88
CA TRP B 25 -26.55 12.32 -10.60
C TRP B 25 -25.25 11.67 -10.14
N TYR B 26 -25.38 10.71 -9.22
CA TYR B 26 -24.20 10.10 -8.61
C TYR B 26 -23.37 9.35 -9.67
N THR B 27 -24.02 8.55 -10.50
CA THR B 27 -23.35 7.87 -11.61
C THR B 27 -22.62 8.82 -12.55
N GLN B 28 -23.31 9.88 -12.96
CA GLN B 28 -22.66 10.87 -13.82
C GLN B 28 -21.45 11.48 -13.14
N VAL B 29 -21.54 11.76 -11.84
CA VAL B 29 -20.43 12.43 -11.17
C VAL B 29 -19.22 11.52 -11.14
N ILE B 30 -19.40 10.25 -10.77
CA ILE B 30 -18.20 9.42 -10.58
C ILE B 30 -17.54 9.06 -11.90
N VAL B 31 -18.32 8.98 -12.98
CA VAL B 31 -17.76 8.73 -14.29
C VAL B 31 -17.20 10.00 -14.95
N LYS B 32 -17.96 11.10 -14.95
CA LYS B 32 -17.52 12.31 -15.61
C LYS B 32 -16.34 13.01 -14.95
N SER B 33 -16.18 12.82 -13.64
CA SER B 33 -15.09 13.45 -12.90
C SER B 33 -13.80 12.64 -13.02
N GLU B 34 -13.89 11.51 -13.74
CA GLU B 34 -12.74 10.63 -14.01
CA GLU B 34 -12.76 10.61 -14.01
C GLU B 34 -12.31 9.82 -12.78
N LEU B 35 -13.23 9.60 -11.84
CA LEU B 35 -12.92 8.75 -10.69
C LEU B 35 -12.89 7.26 -11.10
N ILE B 36 -13.95 6.82 -11.77
CA ILE B 36 -14.04 5.42 -12.14
C ILE B 36 -14.43 5.24 -13.61
N GLU B 37 -14.15 4.04 -14.12
CA GLU B 37 -14.57 3.67 -15.47
C GLU B 37 -15.15 2.27 -15.38
N TYR B 38 -16.40 2.10 -15.78
CA TYR B 38 -17.00 0.77 -15.79
C TYR B 38 -16.43 -0.11 -16.89
N TYR B 39 -16.07 -1.34 -16.56
CA TYR B 39 -15.62 -2.28 -17.57
C TYR B 39 -16.75 -2.68 -18.51
N ASP B 40 -17.90 -2.96 -17.93
CA ASP B 40 -19.01 -3.54 -18.69
C ASP B 40 -20.26 -3.57 -17.80
N ILE B 41 -21.34 -4.15 -18.32
CA ILE B 41 -22.61 -4.15 -17.58
C ILE B 41 -22.60 -5.03 -16.31
N SER B 42 -21.53 -5.78 -16.07
CA SER B 42 -21.41 -6.47 -14.77
C SER B 42 -21.32 -5.48 -13.61
N GLY B 43 -20.92 -4.25 -13.92
CA GLY B 43 -20.73 -3.22 -12.90
C GLY B 43 -19.33 -3.18 -12.29
N CYS B 44 -18.47 -4.10 -12.71
CA CYS B 44 -17.05 -4.06 -12.32
C CYS B 44 -16.47 -2.77 -12.87
N TYR B 45 -15.63 -2.09 -12.10
CA TYR B 45 -15.06 -0.82 -12.54
C TYR B 45 -13.61 -0.65 -12.12
N ILE B 46 -12.97 0.28 -12.81
CA ILE B 46 -11.58 0.67 -12.57
C ILE B 46 -11.49 1.87 -11.64
N LEU B 47 -10.61 1.82 -10.65
CA LEU B 47 -10.30 3.03 -9.89
CA LEU B 47 -10.28 3.00 -9.88
C LEU B 47 -9.20 3.78 -10.63
N ARG B 48 -9.62 4.83 -11.35
CA ARG B 48 -8.69 5.70 -12.08
C ARG B 48 -7.83 6.49 -11.09
N PRO B 49 -6.78 7.17 -11.57
CA PRO B 49 -5.90 7.90 -10.64
C PRO B 49 -6.59 8.85 -9.66
N ALA B 50 -7.62 9.58 -10.08
CA ALA B 50 -8.28 10.51 -9.16
C ALA B 50 -8.94 9.78 -7.98
N ALA B 51 -9.49 8.60 -8.24
CA ALA B 51 -10.07 7.80 -7.17
C ALA B 51 -8.99 7.20 -6.29
N TYR B 52 -7.99 6.61 -6.93
CA TYR B 52 -6.96 5.92 -6.16
C TYR B 52 -6.19 6.91 -5.28
N TYR B 53 -6.01 8.14 -5.76
CA TYR B 53 -5.30 9.16 -5.00
C TYR B 53 -5.96 9.38 -3.64
N ILE B 54 -7.30 9.44 -3.62
CA ILE B 54 -8.02 9.60 -2.36
C ILE B 54 -7.72 8.45 -1.42
N TRP B 55 -7.80 7.23 -1.95
CA TRP B 55 -7.48 6.06 -1.13
C TRP B 55 -6.04 6.11 -0.59
N GLU B 56 -5.08 6.48 -1.44
CA GLU B 56 -3.70 6.50 -1.01
C GLU B 56 -3.46 7.54 0.10
N CYS B 57 -4.17 8.67 0.03
CA CYS B 57 -4.10 9.69 1.07
C CYS B 57 -4.62 9.20 2.42
N VAL B 58 -5.79 8.56 2.45
CA VAL B 58 -6.31 8.09 3.74
C VAL B 58 -5.52 6.85 4.23
N GLN B 59 -4.99 6.08 3.29
CA GLN B 59 -4.09 4.97 3.61
C GLN B 59 -2.84 5.45 4.34
N ALA B 60 -2.23 6.49 3.79
CA ALA B 60 -1.03 7.06 4.41
C ALA B 60 -1.33 7.57 5.82
N PHE B 61 -2.46 8.25 5.98
CA PHE B 61 -2.88 8.73 7.29
C PHE B 61 -3.10 7.58 8.26
N PHE B 62 -3.88 6.59 7.85
CA PHE B 62 -4.24 5.50 8.73
C PHE B 62 -3.02 4.67 9.11
N ASN B 63 -2.16 4.41 8.13
CA ASN B 63 -0.91 3.71 8.41
C ASN B 63 -0.10 4.40 9.49
N LYS B 64 0.05 5.71 9.36
CA LYS B 64 0.88 6.45 10.29
C LYS B 64 0.31 6.36 11.70
N GLU B 65 -1.02 6.44 11.79
CA GLU B 65 -1.68 6.46 13.10
C GLU B 65 -1.73 5.07 13.75
N ILE B 66 -2.00 4.02 12.97
CA ILE B 66 -2.04 2.71 13.62
C ILE B 66 -0.63 2.21 13.99
N LYS B 67 0.39 2.69 13.29
CA LYS B 67 1.75 2.33 13.67
C LYS B 67 2.12 2.94 15.02
N LYS B 68 1.52 4.08 15.36
CA LYS B 68 1.71 4.66 16.68
C LYS B 68 1.14 3.77 17.77
N LEU B 69 0.11 3.00 17.41
CA LEU B 69 -0.53 2.05 18.29
C LEU B 69 0.14 0.67 18.24
N ASN B 70 1.28 0.61 17.55
CA ASN B 70 2.08 -0.61 17.40
C ASN B 70 1.37 -1.69 16.57
N VAL B 71 0.47 -1.27 15.69
CA VAL B 71 -0.13 -2.19 14.74
C VAL B 71 0.85 -2.41 13.60
N GLU B 72 0.99 -3.65 13.15
CA GLU B 72 1.91 -3.96 12.05
C GLU B 72 1.15 -4.45 10.82
N ASN B 73 1.49 -3.95 9.64
CA ASN B 73 0.89 -4.47 8.43
C ASN B 73 1.38 -5.87 8.12
N SER B 74 0.56 -6.61 7.37
CA SER B 74 0.78 -8.03 7.13
C SER B 74 -0.04 -8.42 5.92
N TYR B 75 0.08 -9.65 5.47
CA TYR B 75 -0.82 -10.09 4.40
C TYR B 75 -1.17 -11.57 4.52
N PHE B 76 -2.44 -11.83 4.84
CA PHE B 76 -3.04 -13.16 4.82
C PHE B 76 -3.79 -13.37 3.50
N PRO B 77 -3.39 -14.36 2.70
CA PRO B 77 -4.17 -14.61 1.49
C PRO B 77 -5.44 -15.41 1.79
N GLU B 121 -10.98 -14.84 7.97
CA GLU B 121 -10.62 -14.75 9.38
C GLU B 121 -10.49 -16.14 10.01
N THR B 122 -11.05 -17.13 9.35
CA THR B 122 -10.95 -18.51 9.82
C THR B 122 -9.50 -18.97 9.76
N ILE B 123 -8.89 -18.82 8.59
CA ILE B 123 -7.48 -19.13 8.42
C ILE B 123 -6.66 -18.34 9.43
N MET B 124 -6.98 -17.06 9.56
CA MET B 124 -6.29 -16.15 10.46
C MET B 124 -6.33 -16.61 11.93
N TYR B 125 -7.53 -16.79 12.47
CA TYR B 125 -7.64 -17.11 13.90
C TYR B 125 -7.13 -18.50 14.23
N SER B 126 -7.08 -19.38 13.24
CA SER B 126 -6.59 -20.74 13.47
C SER B 126 -5.07 -20.74 13.54
N VAL B 127 -4.46 -19.69 13.00
CA VAL B 127 -3.00 -19.55 13.01
C VAL B 127 -2.52 -18.83 14.27
N PHE B 128 -3.36 -17.96 14.83
CA PHE B 128 -3.03 -17.21 16.06
C PHE B 128 -2.45 -18.03 17.24
N PRO B 129 -2.98 -19.24 17.52
CA PRO B 129 -2.40 -19.99 18.64
C PRO B 129 -0.93 -20.35 18.45
N LYS B 130 -0.49 -20.41 17.19
CA LYS B 130 0.91 -20.73 16.88
C LYS B 130 1.83 -19.57 17.25
N TRP B 131 1.25 -18.38 17.41
CA TRP B 131 2.01 -17.16 17.67
C TRP B 131 1.85 -16.65 19.10
N ILE B 132 0.92 -17.24 19.85
CA ILE B 132 0.63 -16.74 21.19
C ILE B 132 0.76 -17.85 22.22
N ARG B 133 1.73 -17.74 23.10
CA ARG B 133 1.94 -18.73 24.16
C ARG B 133 1.82 -18.11 25.55
N SER B 134 2.38 -16.92 25.72
CA SER B 134 2.36 -16.26 27.02
C SER B 134 2.05 -14.78 26.86
N TYR B 135 1.86 -14.11 27.99
CA TYR B 135 1.58 -12.67 28.01
C TYR B 135 2.67 -11.88 27.27
N ARG B 136 3.86 -12.46 27.16
CA ARG B 136 4.99 -11.82 26.48
C ARG B 136 4.73 -11.69 24.99
N ASP B 137 3.78 -12.48 24.49
CA ASP B 137 3.44 -12.49 23.07
C ASP B 137 2.32 -11.51 22.73
N LEU B 138 1.83 -10.79 23.74
CA LEU B 138 0.68 -9.91 23.59
C LEU B 138 1.04 -8.46 23.90
N PRO B 139 0.34 -7.49 23.28
CA PRO B 139 -0.74 -7.73 22.33
C PRO B 139 -0.23 -8.09 20.96
N LEU B 140 -1.03 -8.88 20.24
CA LEU B 140 -0.79 -9.15 18.83
C LEU B 140 -1.64 -8.16 18.03
N LYS B 141 -1.00 -7.38 17.16
CA LYS B 141 -1.71 -6.31 16.45
C LYS B 141 -1.37 -6.33 14.97
N LEU B 142 -2.38 -6.58 14.14
CA LEU B 142 -2.19 -6.75 12.69
C LEU B 142 -3.18 -5.93 11.88
N ASN B 143 -2.73 -5.48 10.71
CA ASN B 143 -3.59 -4.81 9.74
C ASN B 143 -3.28 -5.34 8.36
N GLN B 144 -4.24 -5.23 7.47
CA GLN B 144 -4.08 -5.66 6.09
C GLN B 144 -4.78 -4.69 5.15
N TRP B 145 -4.08 -4.33 4.06
CA TRP B 145 -4.64 -3.55 2.95
C TRP B 145 -4.98 -4.51 1.82
N ASN B 146 -6.26 -4.64 1.52
CA ASN B 146 -6.75 -5.65 0.59
C ASN B 146 -7.21 -5.08 -0.73
N THR B 147 -7.12 -5.90 -1.76
CA THR B 147 -7.68 -5.56 -3.08
C THR B 147 -8.62 -6.68 -3.49
N VAL B 148 -9.65 -6.34 -4.25
CA VAL B 148 -10.54 -7.34 -4.81
C VAL B 148 -10.04 -7.68 -6.21
N VAL B 149 -9.99 -8.96 -6.51
CA VAL B 149 -9.59 -9.43 -7.84
C VAL B 149 -10.72 -10.19 -8.50
N ARG B 150 -11.07 -9.81 -9.72
CA ARG B 150 -12.04 -10.57 -10.49
C ARG B 150 -11.33 -11.23 -11.66
N TRP B 151 -11.58 -12.51 -11.85
CA TRP B 151 -11.02 -13.25 -12.96
C TRP B 151 -12.02 -13.41 -14.09
N GLU B 152 -11.67 -12.90 -15.26
CA GLU B 152 -12.43 -13.19 -16.46
C GLU B 152 -12.19 -14.64 -16.82
N PHE B 153 -13.26 -15.41 -16.98
CA PHE B 153 -13.23 -16.82 -17.38
C PHE B 153 -12.82 -17.76 -16.25
N LYS B 154 -13.07 -17.36 -15.00
CA LYS B 154 -12.91 -18.30 -13.88
C LYS B 154 -14.12 -18.20 -12.97
N GLN B 155 -14.32 -19.23 -12.13
CA GLN B 155 -15.41 -19.23 -11.16
C GLN B 155 -15.24 -18.09 -10.16
N PRO B 156 -16.34 -17.41 -9.82
CA PRO B 156 -16.32 -16.24 -8.92
C PRO B 156 -15.69 -16.54 -7.56
N THR B 162 -18.41 -6.30 -3.58
CA THR B 162 -18.92 -6.31 -4.95
C THR B 162 -19.12 -4.89 -5.46
N ARG B 163 -19.28 -3.95 -4.54
CA ARG B 163 -19.39 -2.54 -4.92
C ARG B 163 -18.09 -1.79 -4.64
N GLU B 164 -17.22 -2.36 -3.81
CA GLU B 164 -15.94 -1.72 -3.44
C GLU B 164 -14.77 -2.67 -3.67
N PHE B 165 -13.70 -2.17 -4.30
CA PHE B 165 -12.59 -3.04 -4.69
C PHE B 165 -11.30 -2.90 -3.86
N LEU B 166 -11.29 -1.97 -2.91
CA LEU B 166 -10.19 -1.85 -1.93
C LEU B 166 -10.77 -1.70 -0.54
N TRP B 167 -10.09 -2.28 0.44
CA TRP B 167 -10.49 -2.11 1.82
CA TRP B 167 -10.53 -2.21 1.82
C TRP B 167 -9.37 -2.45 2.77
N GLN B 168 -9.59 -2.14 4.03
CA GLN B 168 -8.61 -2.27 5.08
C GLN B 168 -9.29 -3.09 6.18
N GLU B 169 -8.56 -3.98 6.81
N GLU B 169 -8.55 -4.02 6.78
CA GLU B 169 -9.11 -4.74 7.94
CA GLU B 169 -9.04 -4.78 7.91
C GLU B 169 -8.02 -5.08 8.95
C GLU B 169 -7.94 -4.92 8.94
N GLY B 170 -8.28 -4.74 10.21
CA GLY B 170 -7.33 -4.96 11.30
C GLY B 170 -7.86 -5.97 12.30
N HIS B 171 -6.93 -6.64 12.98
CA HIS B 171 -7.25 -7.67 13.95
C HIS B 171 -6.26 -7.62 15.10
N THR B 172 -6.74 -7.61 16.33
CA THR B 172 -5.81 -7.65 17.46
C THR B 172 -6.21 -8.69 18.50
N ALA B 173 -5.24 -9.06 19.34
CA ALA B 173 -5.49 -9.94 20.49
C ALA B 173 -4.77 -9.37 21.72
N HIS B 174 -5.48 -9.33 22.85
CA HIS B 174 -4.98 -8.69 24.07
C HIS B 174 -5.09 -9.60 25.29
N LYS B 175 -4.38 -9.24 26.36
CA LYS B 175 -4.38 -10.02 27.60
C LYS B 175 -5.64 -9.83 28.42
N ASN B 176 -6.39 -8.76 28.18
CA ASN B 176 -7.61 -8.51 28.93
C ASN B 176 -8.61 -7.64 28.18
N GLU B 177 -9.80 -7.49 28.77
CA GLU B 177 -10.89 -6.75 28.16
C GLU B 177 -10.57 -5.27 28.04
N GLU B 178 -10.08 -4.69 29.12
CA GLU B 178 -9.81 -3.25 29.21
C GLU B 178 -8.92 -2.76 28.09
N GLU B 179 -7.84 -3.49 27.85
CA GLU B 179 -6.88 -3.09 26.82
C GLU B 179 -7.50 -3.21 25.42
N ALA B 180 -8.24 -4.30 25.21
CA ALA B 180 -8.87 -4.53 23.91
C ALA B 180 -9.92 -3.45 23.60
N VAL B 181 -10.77 -3.17 24.58
CA VAL B 181 -11.85 -2.21 24.38
C VAL B 181 -11.28 -0.82 24.16
N LYS B 182 -10.17 -0.50 24.83
CA LYS B 182 -9.52 0.78 24.60
C LYS B 182 -9.05 0.88 23.15
N LEU B 183 -8.45 -0.19 22.63
CA LEU B 183 -8.00 -0.18 21.24
C LEU B 183 -9.20 -0.03 20.31
N VAL B 184 -10.31 -0.70 20.63
CA VAL B 184 -11.51 -0.60 19.79
C VAL B 184 -11.89 0.87 19.58
N PHE B 185 -11.91 1.63 20.68
CA PHE B 185 -12.34 3.02 20.59
C PHE B 185 -11.23 3.94 20.08
N ASP B 186 -9.96 3.58 20.28
CA ASP B 186 -8.86 4.32 19.64
C ASP B 186 -8.96 4.21 18.12
N ILE B 187 -9.21 3.00 17.63
CA ILE B 187 -9.39 2.80 16.20
C ILE B 187 -10.61 3.57 15.70
N LEU B 188 -11.71 3.53 16.44
CA LEU B 188 -12.92 4.20 16.00
C LEU B 188 -12.67 5.68 15.85
N ASP B 189 -11.89 6.26 16.76
CA ASP B 189 -11.61 7.69 16.60
C ASP B 189 -10.69 7.98 15.42
N LEU B 190 -9.82 7.04 15.07
CA LEU B 190 -9.03 7.19 13.85
C LEU B 190 -9.93 7.19 12.63
N TYR B 191 -11.01 6.40 12.65
CA TYR B 191 -11.94 6.43 11.52
C TYR B 191 -12.67 7.75 11.51
N ARG B 192 -13.00 8.28 12.69
CA ARG B 192 -13.61 9.61 12.76
C ARG B 192 -12.68 10.61 12.06
N ARG B 193 -11.39 10.54 12.36
CA ARG B 193 -10.44 11.48 11.78
C ARG B 193 -10.22 11.27 10.28
N TRP B 194 -10.20 10.00 9.86
CA TRP B 194 -10.16 9.65 8.43
C TRP B 194 -11.29 10.39 7.68
N TYR B 195 -12.50 10.27 8.20
CA TYR B 195 -13.64 10.92 7.57
C TYR B 195 -13.61 12.45 7.70
N GLU B 196 -13.30 12.93 8.90
N GLU B 196 -13.37 12.97 8.90
CA GLU B 196 -13.51 14.34 9.21
CA GLU B 196 -13.43 14.42 9.10
C GLU B 196 -12.30 15.24 8.83
C GLU B 196 -12.24 15.14 8.52
N GLU B 197 -11.06 14.75 8.97
CA GLU B 197 -9.84 15.50 8.61
C GLU B 197 -9.41 15.36 7.15
N TYR B 198 -9.79 14.26 6.49
CA TYR B 198 -9.39 14.07 5.11
C TYR B 198 -10.56 14.17 4.15
N LEU B 199 -11.71 13.61 4.53
CA LEU B 199 -12.85 13.62 3.61
C LEU B 199 -13.86 14.73 3.93
N ALA B 200 -13.63 15.47 5.01
CA ALA B 200 -14.53 16.54 5.49
C ALA B 200 -15.96 16.05 5.66
N VAL B 201 -16.09 14.79 6.07
CA VAL B 201 -17.39 14.18 6.36
C VAL B 201 -17.57 13.98 7.85
N PRO B 202 -18.65 14.56 8.43
CA PRO B 202 -18.98 14.32 9.82
C PRO B 202 -19.61 12.93 10.01
N ILE B 203 -19.23 12.25 11.08
CA ILE B 203 -19.84 10.96 11.38
C ILE B 203 -20.31 10.96 12.83
N ILE B 204 -21.15 9.99 13.17
CA ILE B 204 -21.61 9.83 14.54
C ILE B 204 -21.09 8.51 15.09
N LYS B 205 -20.32 8.59 16.17
CA LYS B 205 -19.83 7.37 16.82
C LYS B 205 -20.88 6.76 17.73
N GLY B 206 -21.03 5.44 17.67
CA GLY B 206 -22.04 4.78 18.50
C GLY B 206 -21.86 3.29 18.60
N ILE B 207 -22.76 2.65 19.35
CA ILE B 207 -22.78 1.20 19.49
C ILE B 207 -23.97 0.61 18.74
N LYS B 208 -23.75 -0.47 17.99
CA LYS B 208 -24.88 -1.10 17.29
C LYS B 208 -25.80 -1.77 18.29
N SER B 209 -27.08 -1.86 17.91
CA SER B 209 -28.04 -2.63 18.68
C SER B 209 -27.69 -4.12 18.67
N GLU B 210 -28.34 -4.88 19.54
CA GLU B 210 -28.06 -6.31 19.60
C GLU B 210 -28.50 -6.99 18.31
N GLY B 211 -29.55 -6.47 17.69
CA GLY B 211 -30.01 -7.03 16.45
C GLY B 211 -29.16 -6.71 15.24
N GLU B 212 -28.34 -5.65 15.32
CA GLU B 212 -27.58 -5.18 14.17
C GLU B 212 -26.08 -5.40 14.29
N LYS B 213 -25.61 -5.76 15.48
CA LYS B 213 -24.16 -5.96 15.68
C LYS B 213 -23.68 -7.22 14.98
N PHE B 214 -22.37 -7.33 14.77
CA PHE B 214 -21.80 -8.56 14.24
C PHE B 214 -22.10 -9.70 15.21
N GLY B 215 -22.55 -10.83 14.68
CA GLY B 215 -22.98 -11.94 15.51
C GLY B 215 -21.89 -12.47 16.42
N GLY B 216 -20.65 -12.35 15.96
CA GLY B 216 -19.53 -12.86 16.73
C GLY B 216 -18.96 -11.87 17.72
N ALA B 217 -19.51 -10.66 17.75
CA ALA B 217 -18.95 -9.59 18.58
C ALA B 217 -19.64 -9.47 19.92
N ASN B 218 -18.87 -9.13 20.96
CA ASN B 218 -19.48 -8.73 22.22
CA ASN B 218 -19.44 -8.71 22.23
C ASN B 218 -20.23 -7.42 22.02
N PHE B 219 -19.58 -6.45 21.39
CA PHE B 219 -20.30 -5.28 20.89
C PHE B 219 -19.62 -4.81 19.62
N THR B 220 -20.41 -4.15 18.77
CA THR B 220 -19.89 -3.52 17.57
C THR B 220 -20.02 -2.02 17.70
N SER B 221 -18.90 -1.31 17.65
CA SER B 221 -18.96 0.14 17.56
C SER B 221 -18.88 0.56 16.09
N THR B 222 -19.44 1.72 15.80
CA THR B 222 -19.61 2.11 14.42
C THR B 222 -19.46 3.62 14.26
N ALA B 223 -19.06 4.02 13.05
CA ALA B 223 -19.15 5.41 12.61
C ALA B 223 -20.28 5.43 11.60
N GLU B 224 -21.31 6.22 11.89
CA GLU B 224 -22.46 6.31 11.00
CA GLU B 224 -22.47 6.32 11.01
C GLU B 224 -22.45 7.64 10.26
N ALA B 225 -22.75 7.59 8.97
CA ALA B 225 -22.85 8.79 8.16
C ALA B 225 -24.29 8.92 7.68
N PHE B 226 -24.63 10.07 7.11
CA PHE B 226 -26.00 10.28 6.64
C PHE B 226 -26.00 11.07 5.35
N ILE B 227 -26.77 10.59 4.39
CA ILE B 227 -26.91 11.25 3.09
C ILE B 227 -28.21 12.02 3.11
N SER B 228 -28.13 13.32 3.33
CA SER B 228 -29.33 14.11 3.54
CA SER B 228 -29.32 14.13 3.52
C SER B 228 -30.21 14.17 2.29
N GLU B 229 -29.61 13.99 1.11
CA GLU B 229 -30.41 14.14 -0.12
C GLU B 229 -31.38 12.98 -0.37
N ASN B 230 -31.08 11.77 0.09
CA ASN B 230 -32.08 10.70 0.00
C ASN B 230 -32.55 10.13 1.36
N GLY B 231 -32.09 10.74 2.45
CA GLY B 231 -32.61 10.39 3.76
C GLY B 231 -32.14 9.05 4.29
N ARG B 232 -30.98 8.60 3.81
CA ARG B 232 -30.46 7.27 4.13
C ARG B 232 -29.17 7.36 4.95
N ALA B 233 -29.14 6.62 6.05
CA ALA B 233 -27.94 6.46 6.87
C ALA B 233 -27.07 5.41 6.25
N ILE B 234 -25.77 5.49 6.53
CA ILE B 234 -24.82 4.52 6.01
CA ILE B 234 -24.78 4.55 6.01
C ILE B 234 -23.74 4.24 7.06
N GLN B 235 -23.44 2.97 7.22
CA GLN B 235 -22.36 2.56 8.09
CA GLN B 235 -22.35 2.52 8.07
C GLN B 235 -21.02 2.89 7.43
N ALA B 236 -20.27 3.78 8.06
CA ALA B 236 -19.07 4.35 7.43
C ALA B 236 -17.78 3.62 7.81
N ALA B 237 -17.77 3.04 9.01
CA ALA B 237 -16.65 2.22 9.47
C ALA B 237 -17.09 1.43 10.69
N THR B 238 -16.32 0.39 11.02
CA THR B 238 -16.71 -0.54 12.07
CA THR B 238 -16.71 -0.54 12.09
C THR B 238 -15.53 -0.91 12.96
N SER B 239 -15.76 -1.01 14.26
CA SER B 239 -14.72 -1.49 15.17
C SER B 239 -15.37 -2.38 16.22
N HIS B 240 -15.00 -3.66 16.22
CA HIS B 240 -15.67 -4.67 17.07
C HIS B 240 -14.82 -5.06 18.26
N TYR B 241 -15.47 -5.22 19.41
CA TYR B 241 -14.87 -5.94 20.53
C TYR B 241 -15.42 -7.36 20.48
N LEU B 242 -14.54 -8.33 20.28
CA LEU B 242 -14.95 -9.71 20.05
C LEU B 242 -14.90 -10.51 21.34
N GLY B 243 -14.46 -9.86 22.41
CA GLY B 243 -14.24 -10.56 23.67
C GLY B 243 -13.40 -11.80 23.51
N THR B 244 -13.79 -12.87 24.19
CA THR B 244 -13.08 -14.14 24.11
C THR B 244 -13.80 -15.14 23.22
N ASN B 245 -14.80 -14.66 22.47
CA ASN B 245 -15.62 -15.53 21.62
C ASN B 245 -14.82 -16.43 20.68
N PHE B 246 -13.94 -15.84 19.87
CA PHE B 246 -13.17 -16.65 18.94
C PHE B 246 -11.98 -17.31 19.63
N ALA B 247 -11.57 -16.77 20.76
CA ALA B 247 -10.48 -17.35 21.52
C ALA B 247 -10.89 -18.73 22.02
N LYS B 248 -12.13 -18.83 22.50
CA LYS B 248 -12.65 -20.11 22.94
C LYS B 248 -12.81 -21.04 21.73
N MET B 249 -13.34 -20.50 20.64
CA MET B 249 -13.59 -21.25 19.43
C MET B 249 -12.31 -21.85 18.83
N PHE B 250 -11.25 -21.07 18.77
CA PHE B 250 -10.01 -21.52 18.14
C PHE B 250 -8.91 -21.85 19.16
N LYS B 251 -9.29 -21.93 20.43
CA LYS B 251 -8.35 -22.26 21.51
C LYS B 251 -7.12 -21.35 21.50
N ILE B 252 -7.37 -20.04 21.47
CA ILE B 252 -6.28 -19.08 21.50
C ILE B 252 -6.04 -18.67 22.95
N GLU B 253 -5.15 -19.40 23.62
CA GLU B 253 -4.89 -19.22 25.04
C GLU B 253 -3.49 -18.72 25.31
N PHE B 254 -3.28 -18.15 26.49
CA PHE B 254 -1.95 -17.71 26.89
C PHE B 254 -1.77 -17.87 28.39
N GLU B 255 -0.54 -18.12 28.80
CA GLU B 255 -0.25 -18.19 30.22
C GLU B 255 0.03 -16.77 30.72
N ASP B 256 -0.73 -16.30 31.71
CA ASP B 256 -0.57 -14.93 32.14
C ASP B 256 0.62 -14.80 33.10
N GLU B 257 0.80 -13.60 33.64
CA GLU B 257 1.98 -13.30 34.43
C GLU B 257 2.00 -14.12 35.71
N ASN B 258 0.83 -14.60 36.12
CA ASN B 258 0.70 -15.39 37.34
C ASN B 258 0.66 -16.89 37.06
N GLU B 259 1.07 -17.25 35.84
CA GLU B 259 1.09 -18.62 35.36
C GLU B 259 -0.29 -19.24 35.26
N VAL B 260 -1.31 -18.39 35.11
CA VAL B 260 -2.68 -18.82 34.91
C VAL B 260 -3.07 -18.73 33.43
N LYS B 261 -3.63 -19.82 32.89
CA LYS B 261 -4.05 -19.84 31.49
C LYS B 261 -5.28 -18.97 31.30
N GLN B 262 -5.26 -18.16 30.25
CA GLN B 262 -6.38 -17.26 29.95
C GLN B 262 -6.69 -17.31 28.46
N TYR B 263 -7.90 -16.84 28.11
CA TYR B 263 -8.23 -16.60 26.71
C TYR B 263 -7.83 -15.18 26.32
N VAL B 264 -7.36 -14.98 25.08
CA VAL B 264 -7.10 -13.63 24.60
C VAL B 264 -8.41 -12.89 24.34
N HIS B 265 -8.38 -11.58 24.45
CA HIS B 265 -9.51 -10.72 24.10
C HIS B 265 -9.24 -10.09 22.74
N GLN B 266 -10.16 -10.23 21.79
CA GLN B 266 -9.85 -9.82 20.42
C GLN B 266 -10.65 -8.63 19.94
N THR B 267 -10.10 -7.95 18.94
CA THR B 267 -10.81 -6.89 18.22
C THR B 267 -10.69 -7.12 16.72
N SER B 268 -11.60 -6.52 15.96
CA SER B 268 -11.42 -6.39 14.51
C SER B 268 -12.09 -5.11 14.05
N TRP B 269 -11.60 -4.56 12.94
CA TRP B 269 -12.07 -3.26 12.51
C TRP B 269 -11.79 -3.08 11.02
N GLY B 270 -12.64 -2.33 10.34
CA GLY B 270 -12.39 -2.17 8.92
C GLY B 270 -13.09 -0.97 8.31
N CYS B 271 -12.60 -0.58 7.14
CA CYS B 271 -13.15 0.52 6.39
C CYS B 271 -12.82 0.26 4.91
N THR B 272 -13.73 0.66 4.02
CA THR B 272 -13.58 0.39 2.58
C THR B 272 -13.62 1.66 1.75
N THR B 273 -13.53 1.53 0.42
CA THR B 273 -13.68 2.69 -0.44
C THR B 273 -15.12 3.23 -0.45
N ARG B 274 -16.04 2.57 0.26
CA ARG B 274 -17.37 3.19 0.51
C ARG B 274 -17.16 4.59 1.08
N SER B 275 -16.10 4.76 1.87
CA SER B 275 -15.76 6.06 2.43
C SER B 275 -15.64 7.15 1.36
N ILE B 276 -15.04 6.80 0.23
CA ILE B 276 -14.94 7.74 -0.88
C ILE B 276 -16.33 8.07 -1.46
N GLY B 277 -17.16 7.05 -1.63
CA GLY B 277 -18.53 7.27 -2.07
C GLY B 277 -19.30 8.21 -1.15
N ILE B 278 -19.16 8.00 0.16
CA ILE B 278 -19.84 8.88 1.12
C ILE B 278 -19.36 10.33 0.95
N MET B 279 -18.06 10.50 0.77
CA MET B 279 -17.52 11.84 0.56
CA MET B 279 -17.49 11.82 0.53
C MET B 279 -18.12 12.49 -0.69
N ILE B 280 -18.19 11.76 -1.80
CA ILE B 280 -18.76 12.29 -3.04
C ILE B 280 -20.23 12.66 -2.84
N MET B 281 -21.00 11.77 -2.21
CA MET B 281 -22.40 12.05 -1.96
C MET B 281 -22.57 13.27 -1.06
N THR B 282 -21.62 13.46 -0.14
CA THR B 282 -21.74 14.57 0.79
C THR B 282 -21.46 15.92 0.14
N HIS B 283 -20.31 16.04 -0.52
CA HIS B 283 -19.90 17.35 -1.04
C HIS B 283 -20.23 17.61 -2.49
N GLY B 284 -20.49 16.58 -3.27
CA GLY B 284 -20.72 16.77 -4.69
C GLY B 284 -21.87 17.72 -4.96
N ASP B 285 -21.82 18.44 -6.07
CA ASP B 285 -22.90 19.37 -6.37
C ASP B 285 -23.32 19.25 -7.84
N ASP B 286 -24.15 20.17 -8.32
CA ASP B 286 -24.63 20.01 -9.68
C ASP B 286 -23.60 20.35 -10.74
N LYS B 287 -22.42 20.82 -10.32
CA LYS B 287 -21.31 21.02 -11.25
C LYS B 287 -20.41 19.81 -11.31
N GLY B 288 -20.58 18.88 -10.37
CA GLY B 288 -19.77 17.68 -10.38
C GLY B 288 -19.09 17.41 -9.04
N LEU B 289 -17.89 16.84 -9.14
CA LEU B 289 -17.15 16.43 -7.97
C LEU B 289 -16.65 17.64 -7.19
N VAL B 290 -16.67 17.54 -5.87
CA VAL B 290 -16.04 18.54 -5.02
C VAL B 290 -15.08 17.82 -4.09
N LEU B 291 -13.80 18.15 -4.16
CA LEU B 291 -12.79 17.45 -3.37
C LEU B 291 -12.27 18.29 -2.21
N PRO B 292 -12.27 17.74 -0.99
CA PRO B 292 -11.47 18.38 0.05
C PRO B 292 -10.03 18.47 -0.44
N PRO B 293 -9.37 19.63 -0.27
CA PRO B 293 -7.99 19.77 -0.79
C PRO B 293 -7.06 18.63 -0.41
N ASN B 294 -7.22 18.06 0.79
CA ASN B 294 -6.29 17.03 1.25
C ASN B 294 -6.33 15.76 0.40
N VAL B 295 -7.35 15.59 -0.43
CA VAL B 295 -7.42 14.38 -1.26
C VAL B 295 -7.55 14.71 -2.76
N SER B 296 -7.11 15.91 -3.13
CA SER B 296 -7.02 16.31 -4.53
C SER B 296 -5.54 16.40 -4.93
N LYS B 297 -5.16 15.77 -6.05
CA LYS B 297 -3.77 15.83 -6.49
C LYS B 297 -3.38 17.26 -6.82
N TYR B 298 -4.15 17.89 -7.70
CA TYR B 298 -3.97 19.31 -8.01
C TYR B 298 -4.78 20.15 -7.04
N LYS B 299 -4.13 21.10 -6.36
CA LYS B 299 -4.86 21.99 -5.44
C LYS B 299 -5.44 23.19 -6.17
N VAL B 300 -4.79 23.55 -7.27
CA VAL B 300 -5.10 24.75 -8.01
C VAL B 300 -5.02 24.49 -9.51
N VAL B 301 -5.96 25.04 -10.27
CA VAL B 301 -5.79 25.16 -11.72
C VAL B 301 -5.68 26.64 -12.09
N ILE B 302 -4.68 26.95 -12.91
CA ILE B 302 -4.49 28.30 -13.41
C ILE B 302 -5.06 28.39 -14.82
N VAL B 303 -6.01 29.31 -15.02
CA VAL B 303 -6.64 29.47 -16.32
C VAL B 303 -6.37 30.87 -16.86
N PRO B 304 -5.75 30.94 -18.06
CA PRO B 304 -5.47 32.22 -18.72
C PRO B 304 -6.69 32.76 -19.44
N ILE B 305 -6.86 34.07 -19.40
CA ILE B 305 -7.95 34.73 -20.12
C ILE B 305 -7.38 35.75 -21.11
N PHE B 306 -7.76 35.63 -22.38
CA PHE B 306 -7.29 36.54 -23.42
C PHE B 306 -8.46 37.35 -23.99
N GLU B 312 -0.64 38.10 -25.38
CA GLU B 312 -0.88 36.75 -24.87
C GLU B 312 0.40 36.15 -24.30
N ASN B 313 1.54 36.63 -24.79
CA ASN B 313 2.83 36.16 -24.33
C ASN B 313 3.08 36.50 -22.87
N ALA B 314 2.59 37.68 -22.46
CA ALA B 314 2.74 38.11 -21.08
C ALA B 314 1.82 37.34 -20.16
N ILE B 315 0.65 36.97 -20.67
CA ILE B 315 -0.31 36.17 -19.89
C ILE B 315 0.31 34.83 -19.53
N HIS B 316 0.96 34.20 -20.51
CA HIS B 316 1.65 32.92 -20.28
C HIS B 316 2.72 33.05 -19.21
N SER B 317 3.54 34.07 -19.32
CA SER B 317 4.66 34.27 -18.40
C SER B 317 4.18 34.45 -16.98
N TYR B 318 3.10 35.21 -16.83
CA TYR B 318 2.52 35.49 -15.53
C TYR B 318 1.98 34.22 -14.90
N CYS B 319 1.27 33.44 -15.72
CA CYS B 319 0.69 32.18 -15.26
C CYS B 319 1.78 31.20 -14.83
N LYS B 320 2.88 31.16 -15.59
CA LYS B 320 3.97 30.26 -15.24
C LYS B 320 4.67 30.72 -13.96
N ASP B 321 4.68 32.04 -13.72
CA ASP B 321 5.24 32.57 -12.49
C ASP B 321 4.47 32.07 -11.28
N ILE B 322 3.15 32.18 -11.33
CA ILE B 322 2.30 31.71 -10.26
C ILE B 322 2.46 30.20 -10.08
N GLU B 323 2.46 29.47 -11.19
CA GLU B 323 2.64 28.02 -11.15
C GLU B 323 3.92 27.66 -10.40
N LYS B 324 5.00 28.38 -10.73
CA LYS B 324 6.30 28.14 -10.11
C LYS B 324 6.26 28.48 -8.62
N ILE B 325 5.61 29.59 -8.29
CA ILE B 325 5.43 30.01 -6.89
C ILE B 325 4.73 28.91 -6.08
N LEU B 326 3.65 28.38 -6.62
CA LEU B 326 2.90 27.32 -5.95
C LEU B 326 3.71 26.02 -5.84
N LYS B 327 4.31 25.60 -6.95
CA LYS B 327 5.00 24.31 -6.96
C LYS B 327 6.27 24.38 -6.09
N ASN B 328 6.89 25.55 -6.01
CA ASN B 328 8.05 25.72 -5.11
C ASN B 328 7.68 25.54 -3.64
N ALA B 329 6.42 25.81 -3.32
CA ALA B 329 5.91 25.64 -1.96
C ALA B 329 5.26 24.29 -1.78
N GLN B 330 5.57 23.37 -2.70
CA GLN B 330 5.03 22.01 -2.69
C GLN B 330 3.50 21.94 -2.83
N ILE B 331 2.91 22.93 -3.49
CA ILE B 331 1.48 22.90 -3.80
C ILE B 331 1.31 22.52 -5.27
N ASN B 332 0.86 21.28 -5.52
CA ASN B 332 0.75 20.81 -6.89
C ASN B 332 -0.40 21.51 -7.57
N CYS B 333 -0.22 21.81 -8.85
CA CYS B 333 -1.20 22.58 -9.59
C CYS B 333 -1.04 22.32 -11.07
N VAL B 334 -2.00 22.79 -11.85
CA VAL B 334 -1.93 22.66 -13.30
C VAL B 334 -2.26 24.00 -13.96
N TYR B 335 -1.46 24.36 -14.96
CA TYR B 335 -1.70 25.52 -15.79
C TYR B 335 -2.33 25.03 -17.09
N ASP B 336 -3.62 25.28 -17.26
CA ASP B 336 -4.29 24.83 -18.46
C ASP B 336 -4.07 25.83 -19.57
N ASP B 337 -2.99 25.63 -20.32
CA ASP B 337 -2.62 26.55 -21.38
C ASP B 337 -3.09 26.08 -22.75
N ARG B 338 -4.05 25.15 -22.78
CA ARG B 338 -4.59 24.64 -24.03
C ARG B 338 -5.15 25.77 -24.89
N ALA B 339 -4.64 25.91 -26.11
CA ALA B 339 -5.02 27.01 -26.97
C ALA B 339 -6.42 26.85 -27.57
N SER B 340 -6.83 25.61 -27.79
CA SER B 340 -8.06 25.35 -28.54
C SER B 340 -9.33 25.45 -27.70
N TYR B 341 -9.17 25.66 -26.40
CA TYR B 341 -10.33 25.75 -25.52
C TYR B 341 -10.52 27.14 -24.90
N SER B 342 -11.78 27.56 -24.79
CA SER B 342 -12.11 28.85 -24.18
C SER B 342 -11.89 28.79 -22.67
N PRO B 343 -11.74 29.95 -22.02
CA PRO B 343 -11.63 29.95 -20.56
C PRO B 343 -12.86 29.32 -19.90
N GLY B 344 -14.05 29.70 -20.35
CA GLY B 344 -15.28 29.14 -19.83
C GLY B 344 -15.33 27.62 -19.90
N TYR B 345 -14.86 27.08 -21.02
CA TYR B 345 -14.76 25.63 -21.17
C TYR B 345 -13.88 25.06 -20.06
N LYS B 346 -12.72 25.69 -19.88
CA LYS B 346 -11.76 25.22 -18.88
C LYS B 346 -12.32 25.34 -17.46
N PHE B 347 -13.08 26.40 -17.19
CA PHE B 347 -13.73 26.53 -15.87
C PHE B 347 -14.53 25.27 -15.55
N ASN B 348 -15.41 24.88 -16.48
CA ASN B 348 -16.27 23.73 -16.27
C ASN B 348 -15.48 22.43 -16.20
N HIS B 349 -14.47 22.32 -17.05
CA HIS B 349 -13.60 21.15 -17.12
C HIS B 349 -13.04 20.79 -15.74
N TRP B 350 -12.47 21.78 -15.08
CA TRP B 350 -11.81 21.53 -13.81
C TRP B 350 -12.77 21.56 -12.62
N GLU B 351 -13.90 22.29 -12.71
CA GLU B 351 -14.93 22.18 -11.68
C GLU B 351 -15.47 20.76 -11.62
N LEU B 352 -15.74 20.18 -12.79
CA LEU B 352 -16.25 18.81 -12.88
C LEU B 352 -15.35 17.80 -12.18
N ARG B 353 -14.04 18.06 -12.28
CA ARG B 353 -13.02 17.15 -11.77
C ARG B 353 -12.65 17.45 -10.32
N GLY B 354 -13.31 18.46 -9.75
CA GLY B 354 -13.22 18.73 -8.33
C GLY B 354 -12.03 19.54 -7.83
N ILE B 355 -11.32 20.23 -8.73
CA ILE B 355 -10.17 21.03 -8.29
C ILE B 355 -10.63 22.15 -7.34
N PRO B 356 -10.02 22.26 -6.15
CA PRO B 356 -10.53 23.16 -5.11
C PRO B 356 -10.44 24.64 -5.43
N ILE B 357 -9.39 25.04 -6.16
CA ILE B 357 -9.17 26.45 -6.42
C ILE B 357 -8.84 26.67 -7.90
N ARG B 358 -9.45 27.68 -8.49
CA ARG B 358 -9.05 28.16 -9.80
C ARG B 358 -8.47 29.55 -9.65
N ILE B 359 -7.34 29.78 -10.30
CA ILE B 359 -6.76 31.12 -10.39
C ILE B 359 -6.91 31.58 -11.84
N GLU B 360 -7.65 32.68 -12.02
CA GLU B 360 -7.86 33.28 -13.34
C GLU B 360 -6.90 34.45 -13.55
N VAL B 361 -6.28 34.50 -14.72
CA VAL B 361 -5.37 35.59 -15.04
C VAL B 361 -5.72 36.21 -16.38
N GLY B 362 -6.11 37.49 -16.35
CA GLY B 362 -6.41 38.24 -17.55
C GLY B 362 -5.57 39.50 -17.63
N PRO B 363 -5.77 40.29 -18.70
CA PRO B 363 -5.02 41.54 -18.97
C PRO B 363 -5.02 42.51 -17.80
N LYS B 364 -6.18 42.74 -17.20
CA LYS B 364 -6.28 43.66 -16.07
C LYS B 364 -5.45 43.19 -14.88
N ASP B 365 -5.35 41.87 -14.73
CA ASP B 365 -4.56 41.29 -13.65
C ASP B 365 -3.08 41.57 -13.86
N LEU B 366 -2.63 41.46 -15.10
CA LEU B 366 -1.28 41.88 -15.47
C LEU B 366 -1.06 43.34 -15.08
N GLN B 367 -2.05 44.17 -15.34
CA GLN B 367 -1.92 45.62 -15.15
C GLN B 367 -1.81 45.99 -13.69
N ASN B 368 -2.63 45.36 -12.85
CA ASN B 368 -2.64 45.65 -11.42
C ASN B 368 -1.80 44.66 -10.63
N ASN B 369 -1.03 43.85 -11.35
CA ASN B 369 -0.19 42.82 -10.75
C ASN B 369 -0.99 41.96 -9.80
N SER B 370 -2.15 41.52 -10.26
CA SER B 370 -3.01 40.70 -9.43
C SER B 370 -3.45 39.43 -10.15
N CYS B 371 -4.46 38.79 -9.59
CA CYS B 371 -5.13 37.65 -10.23
C CYS B 371 -6.41 37.42 -9.44
N VAL B 372 -7.24 36.50 -9.91
CA VAL B 372 -8.53 36.23 -9.28
C VAL B 372 -8.58 34.79 -8.83
N ILE B 373 -8.84 34.58 -7.55
CA ILE B 373 -8.89 33.24 -7.00
C ILE B 373 -10.34 32.86 -6.76
N VAL B 374 -10.71 31.67 -7.23
CA VAL B 374 -12.11 31.22 -7.23
C VAL B 374 -12.22 29.90 -6.48
N ARG B 375 -13.07 29.87 -5.43
CA ARG B 375 -13.27 28.65 -4.64
C ARG B 375 -14.27 27.69 -5.27
N ARG B 376 -13.95 26.40 -5.27
CA ARG B 376 -14.82 25.40 -5.88
C ARG B 376 -16.10 25.20 -5.07
N ASP B 377 -16.01 25.31 -3.75
CA ASP B 377 -17.15 24.96 -2.92
C ASP B 377 -18.29 25.96 -3.03
N ASN B 378 -17.99 27.26 -3.09
CA ASN B 378 -19.08 28.24 -3.17
C ASN B 378 -19.00 29.22 -4.35
N ASN B 379 -17.98 29.03 -5.20
CA ASN B 379 -17.81 29.81 -6.42
C ASN B 379 -17.55 31.29 -6.18
N GLU B 380 -17.16 31.63 -4.96
CA GLU B 380 -16.84 33.02 -4.66
C GLU B 380 -15.45 33.38 -5.17
N LYS B 381 -15.32 34.60 -5.70
CA LYS B 381 -14.06 35.08 -6.26
C LYS B 381 -13.48 36.19 -5.40
N CYS B 382 -12.16 36.33 -5.44
CA CYS B 382 -11.51 37.51 -4.86
C CYS B 382 -10.27 37.87 -5.64
N ASN B 383 -9.96 39.16 -5.67
CA ASN B 383 -8.74 39.66 -6.28
C ASN B 383 -7.58 39.57 -5.31
N VAL B 384 -6.44 39.08 -5.80
CA VAL B 384 -5.28 38.84 -4.95
C VAL B 384 -4.01 39.38 -5.62
N LYS B 385 -3.20 40.11 -4.87
CA LYS B 385 -1.91 40.60 -5.38
C LYS B 385 -0.98 39.42 -5.63
N LYS B 386 -0.13 39.54 -6.65
CA LYS B 386 0.73 38.44 -7.08
C LYS B 386 1.61 37.93 -5.95
N GLU B 387 2.15 38.86 -5.17
CA GLU B 387 3.05 38.51 -4.07
C GLU B 387 2.32 37.92 -2.87
N SER B 388 0.99 37.91 -2.93
CA SER B 388 0.18 37.38 -1.84
C SER B 388 -0.49 36.07 -2.23
N VAL B 389 -0.26 35.63 -3.47
CA VAL B 389 -0.99 34.46 -4.00
C VAL B 389 -0.68 33.21 -3.20
N LEU B 390 0.58 33.02 -2.82
CA LEU B 390 0.96 31.82 -2.06
C LEU B 390 0.23 31.74 -0.72
N LEU B 391 0.34 32.79 0.07
CA LEU B 391 -0.27 32.80 1.40
C LEU B 391 -1.80 32.68 1.33
N GLU B 392 -2.41 33.41 0.40
CA GLU B 392 -3.87 33.40 0.30
C GLU B 392 -4.37 32.05 -0.21
N THR B 393 -3.61 31.43 -1.10
CA THR B 393 -3.95 30.10 -1.58
C THR B 393 -3.88 29.10 -0.44
N GLN B 394 -2.80 29.15 0.34
CA GLN B 394 -2.66 28.26 1.49
C GLN B 394 -3.84 28.44 2.46
N GLN B 395 -4.16 29.68 2.78
CA GLN B 395 -5.25 29.95 3.71
C GLN B 395 -6.60 29.50 3.14
N MET B 396 -6.75 29.63 1.84
CA MET B 396 -8.02 29.30 1.21
CA MET B 396 -8.02 29.29 1.20
C MET B 396 -8.25 27.78 1.18
N LEU B 397 -7.19 27.01 0.96
CA LEU B 397 -7.33 25.56 0.97
C LEU B 397 -7.77 25.07 2.35
N VAL B 398 -7.26 25.71 3.38
CA VAL B 398 -7.70 25.41 4.74
C VAL B 398 -9.16 25.80 4.91
N ASP B 399 -9.53 26.99 4.45
CA ASP B 399 -10.89 27.45 4.64
C ASP B 399 -11.92 26.65 3.84
N ILE B 400 -11.52 26.13 2.68
CA ILE B 400 -12.41 25.27 1.89
C ILE B 400 -12.71 23.98 2.65
N HIS B 401 -11.68 23.34 3.20
CA HIS B 401 -11.93 22.14 4.01
C HIS B 401 -12.86 22.45 5.17
N LYS B 402 -12.60 23.54 5.89
CA LYS B 402 -13.42 23.93 7.04
C LYS B 402 -14.88 24.15 6.63
N ASN B 403 -15.09 24.87 5.53
CA ASN B 403 -16.45 25.14 5.05
C ASN B 403 -17.16 23.86 4.65
N LEU B 404 -16.45 22.98 3.95
CA LEU B 404 -17.04 21.71 3.51
C LEU B 404 -17.51 20.91 4.72
N PHE B 405 -16.64 20.80 5.71
CA PHE B 405 -16.97 20.04 6.91
C PHE B 405 -18.12 20.68 7.68
N LEU B 406 -18.03 21.98 7.92
CA LEU B 406 -19.06 22.69 8.68
C LEU B 406 -20.45 22.65 8.02
N LYS B 407 -20.48 22.79 6.69
CA LYS B 407 -21.77 22.78 6.00
C LYS B 407 -22.36 21.37 6.08
N ALA B 408 -21.51 20.36 6.00
CA ALA B 408 -21.96 18.98 6.08
C ALA B 408 -22.42 18.63 7.49
N LYS B 409 -21.74 19.18 8.50
CA LYS B 409 -22.12 18.94 9.89
C LYS B 409 -23.47 19.58 10.19
N LYS B 410 -23.72 20.77 9.63
CA LYS B 410 -25.02 21.41 9.81
C LYS B 410 -26.12 20.55 9.19
N LYS B 411 -25.86 20.01 8.00
CA LYS B 411 -26.86 19.16 7.36
C LYS B 411 -27.09 17.88 8.16
N LEU B 412 -26.03 17.33 8.73
CA LEU B 412 -26.16 16.15 9.59
C LEU B 412 -27.01 16.47 10.79
N ASP B 413 -26.67 17.57 11.48
CA ASP B 413 -27.42 17.96 12.68
C ASP B 413 -28.90 18.18 12.37
N ASP B 414 -29.16 18.85 11.25
CA ASP B 414 -30.54 19.17 10.86
C ASP B 414 -31.30 17.93 10.39
N SER B 415 -30.57 16.82 10.20
CA SER B 415 -31.18 15.58 9.73
C SER B 415 -31.67 14.71 10.87
N ILE B 416 -31.44 15.15 12.11
CA ILE B 416 -31.79 14.36 13.29
C ILE B 416 -32.93 15.02 14.06
N VAL B 417 -34.05 14.30 14.18
CA VAL B 417 -35.18 14.81 14.94
C VAL B 417 -35.27 14.03 16.25
N GLN B 418 -35.20 14.73 17.37
CA GLN B 418 -35.30 14.06 18.66
C GLN B 418 -36.78 13.92 19.00
N VAL B 419 -37.20 12.69 19.24
CA VAL B 419 -38.60 12.39 19.51
C VAL B 419 -38.74 11.71 20.85
N THR B 420 -39.95 11.71 21.41
CA THR B 420 -40.18 10.95 22.63
C THR B 420 -41.28 9.92 22.44
N SER B 421 -42.02 10.01 21.34
CA SER B 421 -43.07 9.03 21.07
C SER B 421 -43.10 8.62 19.59
N PHE B 422 -43.61 7.42 19.34
CA PHE B 422 -43.63 6.89 17.99
C PHE B 422 -44.52 7.73 17.08
N SER B 423 -45.45 8.47 17.69
CA SER B 423 -46.37 9.28 16.91
C SER B 423 -45.67 10.41 16.17
N GLU B 424 -44.41 10.69 16.53
CA GLU B 424 -43.64 11.73 15.86
C GLU B 424 -42.76 11.17 14.76
N VAL B 425 -42.66 9.85 14.69
CA VAL B 425 -41.60 9.24 13.88
C VAL B 425 -41.83 9.33 12.37
N MET B 426 -43.03 9.01 11.91
CA MET B 426 -43.24 8.90 10.46
C MET B 426 -43.10 10.25 9.78
N ASN B 427 -43.53 11.32 10.44
CA ASN B 427 -43.38 12.65 9.86
C ASN B 427 -41.91 12.98 9.64
N ALA B 428 -41.06 12.58 10.58
CA ALA B 428 -39.63 12.79 10.45
C ALA B 428 -39.03 11.96 9.32
N LEU B 429 -39.40 10.68 9.27
CA LEU B 429 -38.91 9.80 8.22
C LEU B 429 -39.31 10.30 6.84
N ASN B 430 -40.54 10.80 6.73
CA ASN B 430 -41.04 11.27 5.44
C ASN B 430 -40.34 12.56 5.02
N LYS B 431 -39.72 13.25 5.97
CA LYS B 431 -38.96 14.46 5.68
C LYS B 431 -37.48 14.16 5.46
N LYS B 432 -37.17 12.89 5.17
CA LYS B 432 -35.79 12.43 4.95
C LYS B 432 -34.90 12.63 6.17
N LYS B 433 -35.46 12.43 7.36
CA LYS B 433 -34.71 12.59 8.60
C LYS B 433 -34.45 11.25 9.30
N MET B 434 -33.51 11.28 10.25
CA MET B 434 -33.32 10.23 11.26
C MET B 434 -34.04 10.66 12.51
N VAL B 435 -34.36 9.72 13.39
CA VAL B 435 -34.87 10.13 14.69
C VAL B 435 -33.95 9.66 15.82
N LEU B 436 -33.84 10.50 16.85
CA LEU B 436 -33.16 10.10 18.06
C LEU B 436 -34.24 9.86 19.11
N ALA B 437 -34.35 8.61 19.57
CA ALA B 437 -35.51 8.22 20.37
C ALA B 437 -35.08 7.49 21.63
N PRO B 438 -35.86 7.64 22.71
CA PRO B 438 -35.55 6.89 23.93
C PRO B 438 -36.02 5.45 23.74
N TRP B 439 -35.18 4.47 24.05
CA TRP B 439 -35.45 3.09 23.65
C TRP B 439 -35.08 2.09 24.74
N CYS B 440 -35.92 1.08 24.94
CA CYS B 440 -35.67 0.05 25.95
C CYS B 440 -34.59 -0.94 25.50
N GLU B 441 -34.28 -0.91 24.20
CA GLU B 441 -33.19 -1.70 23.59
C GLU B 441 -33.46 -3.20 23.48
N ASP B 442 -34.70 -3.61 23.74
CA ASP B 442 -35.08 -5.01 23.63
C ASP B 442 -35.02 -5.48 22.17
N ILE B 443 -34.28 -6.55 21.91
CA ILE B 443 -34.02 -6.99 20.54
C ILE B 443 -35.32 -7.34 19.79
N ALA B 444 -36.31 -7.87 20.51
CA ALA B 444 -37.58 -8.22 19.89
C ALA B 444 -38.23 -7.01 19.22
N THR B 445 -37.98 -5.82 19.75
CA THR B 445 -38.68 -4.63 19.26
C THR B 445 -38.10 -4.15 17.93
N GLU B 446 -36.88 -4.59 17.60
CA GLU B 446 -36.24 -4.09 16.39
C GLU B 446 -37.05 -4.49 15.16
N GLU B 447 -37.41 -5.77 15.05
CA GLU B 447 -38.22 -6.23 13.93
C GLU B 447 -39.63 -5.62 13.95
N GLU B 448 -40.16 -5.38 15.14
CA GLU B 448 -41.49 -4.79 15.25
C GLU B 448 -41.50 -3.36 14.72
N ILE B 449 -40.48 -2.59 15.06
CA ILE B 449 -40.33 -1.21 14.59
C ILE B 449 -40.12 -1.18 13.08
N LYS B 450 -39.35 -2.13 12.57
CA LYS B 450 -39.11 -2.25 11.14
C LYS B 450 -40.43 -2.47 10.41
N LYS B 451 -41.19 -3.46 10.88
CA LYS B 451 -42.45 -3.83 10.26
C LYS B 451 -43.44 -2.66 10.24
N GLU B 452 -43.53 -1.93 11.35
CA GLU B 452 -44.53 -0.87 11.45
C GLU B 452 -44.15 0.39 10.67
N THR B 453 -42.87 0.77 10.68
CA THR B 453 -42.45 1.95 9.91
C THR B 453 -42.53 1.64 8.41
N GLN B 454 -42.24 0.39 8.04
CA GLN B 454 -42.46 -0.05 6.67
C GLN B 454 -43.93 0.09 6.29
N ARG B 455 -44.81 -0.38 7.16
CA ARG B 455 -46.24 -0.36 6.89
C ARG B 455 -46.74 1.06 6.72
N LEU B 456 -46.25 1.98 7.55
CA LEU B 456 -46.71 3.36 7.51
C LEU B 456 -46.01 4.13 6.40
N SER B 457 -45.01 3.51 5.80
CA SER B 457 -44.36 4.05 4.60
C SER B 457 -45.25 3.73 3.39
N LEU B 458 -46.28 2.92 3.63
CA LEU B 458 -47.22 2.42 2.62
C LEU B 458 -46.51 1.44 1.66
N SER B 468 -35.90 0.07 1.06
CA SER B 468 -36.94 -0.22 2.04
C SER B 468 -37.35 1.03 2.81
N GLY B 469 -38.62 1.11 3.18
CA GLY B 469 -39.13 2.22 3.97
C GLY B 469 -38.94 2.00 5.47
N ALA B 470 -38.58 0.78 5.85
CA ALA B 470 -38.34 0.45 7.26
C ALA B 470 -37.21 1.27 7.85
N MET B 471 -37.37 1.70 9.09
CA MET B 471 -36.25 2.27 9.79
C MET B 471 -35.69 1.21 10.73
N LYS B 472 -34.39 1.27 10.96
CA LYS B 472 -33.74 0.31 11.83
C LYS B 472 -32.88 1.07 12.83
N PRO B 473 -32.43 0.40 13.91
CA PRO B 473 -31.49 1.06 14.82
C PRO B 473 -30.15 1.25 14.13
N LEU B 474 -29.68 2.49 14.10
CA LEU B 474 -28.43 2.82 13.44
C LEU B 474 -27.29 2.66 14.44
N CYS B 475 -27.34 3.45 15.50
CA CYS B 475 -26.40 3.32 16.58
C CYS B 475 -26.93 4.00 17.82
N ILE B 476 -26.50 3.50 18.97
CA ILE B 476 -26.69 4.17 20.25
C ILE B 476 -25.49 5.10 20.41
N PRO B 477 -25.69 6.42 20.25
CA PRO B 477 -24.50 7.29 20.21
C PRO B 477 -23.66 7.26 21.49
N LEU B 478 -22.35 7.41 21.34
CA LEU B 478 -21.49 7.46 22.51
C LEU B 478 -21.80 8.69 23.33
N ASP B 479 -22.13 9.77 22.63
CA ASP B 479 -22.51 11.01 23.27
C ASP B 479 -24.02 10.99 23.54
N GLN B 480 -24.39 10.83 24.80
CA GLN B 480 -25.80 10.64 25.18
C GLN B 480 -26.40 11.88 25.79
N PRO B 481 -27.57 12.32 25.28
CA PRO B 481 -28.33 13.34 26.00
C PRO B 481 -28.81 12.78 27.33
N PRO B 482 -29.16 13.66 28.28
CA PRO B 482 -29.74 13.22 29.55
C PRO B 482 -30.97 12.34 29.32
N MET B 483 -31.15 11.34 30.17
CA MET B 483 -32.34 10.49 30.09
C MET B 483 -33.19 10.69 31.34
N PRO B 484 -34.31 11.42 31.19
CA PRO B 484 -35.20 11.65 32.33
C PRO B 484 -35.60 10.33 32.98
N PRO B 485 -35.64 10.30 34.31
CA PRO B 485 -35.88 9.07 35.09
C PRO B 485 -37.21 8.41 34.75
N ASN B 486 -38.18 9.20 34.31
CA ASN B 486 -39.49 8.67 33.99
C ASN B 486 -39.75 8.62 32.49
N MET B 487 -38.69 8.71 31.69
CA MET B 487 -38.84 8.62 30.23
CA MET B 487 -38.86 8.62 30.23
C MET B 487 -39.12 7.19 29.80
N LYS B 488 -40.19 7.00 29.04
CA LYS B 488 -40.56 5.68 28.54
C LYS B 488 -39.95 5.42 27.17
N CYS B 489 -39.74 4.14 26.87
CA CYS B 489 -39.39 3.72 25.52
C CYS B 489 -40.46 4.18 24.51
N PHE B 490 -40.02 4.77 23.40
CA PHE B 490 -40.95 5.35 22.42
C PHE B 490 -41.81 4.28 21.76
N TRP B 491 -41.36 3.03 21.82
CA TRP B 491 -42.05 1.94 21.15
C TRP B 491 -42.86 1.05 22.12
N SER B 492 -42.20 0.59 23.18
CA SER B 492 -42.77 -0.41 24.07
C SER B 492 -43.44 0.14 25.32
N GLY B 493 -43.19 1.42 25.62
CA GLY B 493 -43.73 2.01 26.83
C GLY B 493 -43.04 1.59 28.11
N LYS B 494 -42.08 0.67 28.00
CA LYS B 494 -41.24 0.27 29.12
C LYS B 494 -40.28 1.40 29.47
N PRO B 495 -39.60 1.32 30.62
CA PRO B 495 -38.58 2.32 30.91
C PRO B 495 -37.52 2.40 29.82
N ALA B 496 -37.24 3.61 29.34
CA ALA B 496 -36.19 3.77 28.32
C ALA B 496 -34.82 3.60 28.96
N LYS B 497 -33.86 3.11 28.19
CA LYS B 497 -32.50 2.93 28.72
C LYS B 497 -31.59 4.02 28.19
N ARG B 498 -31.45 4.09 26.87
CA ARG B 498 -30.63 5.12 26.25
C ARG B 498 -31.31 5.69 25.02
N TRP B 499 -30.77 6.79 24.52
CA TRP B 499 -31.20 7.35 23.24
C TRP B 499 -30.55 6.58 22.11
N CYS B 500 -31.34 6.25 21.09
CA CYS B 500 -30.84 5.51 19.93
C CYS B 500 -31.22 6.22 18.65
N LEU B 501 -30.29 6.26 17.69
CA LEU B 501 -30.60 6.78 16.37
C LEU B 501 -31.26 5.70 15.53
N PHE B 502 -32.41 6.02 14.95
CA PHE B 502 -33.10 5.13 14.01
C PHE B 502 -33.26 5.84 12.70
N GLY B 503 -33.22 5.08 11.61
CA GLY B 503 -33.47 5.68 10.31
C GLY B 503 -33.52 4.67 9.19
N ARG B 504 -33.84 5.16 8.01
CA ARG B 504 -33.72 4.34 6.81
C ARG B 504 -32.25 4.25 6.45
N SER B 505 -31.87 3.15 5.82
CA SER B 505 -30.44 2.88 5.64
C SER B 505 -30.13 2.17 4.33
N TYR B 506 -28.87 2.25 3.92
CA TYR B 506 -28.40 1.44 2.80
C TYR B 506 -28.32 -0.02 3.23
C13 3O6 C . 9.69 -18.59 -2.78
C15 3O6 C . 9.45 -16.53 -1.49
C20 3O6 C . 10.06 -13.57 1.70
C21 3O6 C . 9.08 -12.62 1.79
C24 3O6 C . 8.09 -13.34 -0.26
C01 3O6 C . 7.83 -19.38 -1.33
N02 3O6 C . 9.02 -19.55 -2.16
N03 3O6 C . 9.61 -20.73 -2.42
C04 3O6 C . 10.65 -20.52 -3.22
C05 3O6 C . 10.74 -19.16 -3.48
C06 3O6 C . 11.69 -18.49 -4.25
C07 3O6 C . 12.39 -17.44 -3.66
C08 3O6 C . 13.35 -16.75 -4.37
C09 3O6 C . 13.60 -17.10 -5.68
F10 3O6 C . 14.55 -16.40 -6.37
C11 3O6 C . 12.91 -18.13 -6.28
C12 3O6 C . 11.95 -18.83 -5.56
N14 3O6 C . 9.33 -17.21 -2.74
O16 3O6 C . 9.85 -17.08 -0.52
N17 3O6 C . 9.05 -15.16 -1.49
C18 3O6 C . 9.08 -14.30 -0.36
C19 3O6 C . 10.06 -14.43 0.61
F22 3O6 C . 9.08 -11.77 2.85
C23 3O6 C . 8.09 -12.49 0.82
C25 3O6 C . 11.56 -21.62 -3.71
F26 3O6 C . 11.26 -22.75 -3.02
F27 3O6 C . 12.85 -21.26 -3.50
F28 3O6 C . 11.32 -21.82 -5.05
C1 EDO D . 12.97 -19.37 19.46
O1 EDO D . 13.23 -18.46 20.52
C2 EDO D . 13.53 -18.81 18.17
O2 EDO D . 12.53 -18.83 17.15
C1 EDO E . 12.09 -7.52 11.18
O1 EDO E . 11.64 -6.32 10.54
C2 EDO E . 13.33 -7.26 12.01
O2 EDO E . 13.08 -6.18 12.91
C1 EDO F . 9.53 11.25 -17.27
O1 EDO F . 10.85 11.23 -17.85
C2 EDO F . 8.86 12.54 -17.70
O2 EDO F . 7.92 12.94 -16.70
C1 EDO G . 23.68 -4.85 -25.77
O1 EDO G . 23.79 -4.41 -27.13
C2 EDO G . 22.23 -4.72 -25.31
O2 EDO G . 21.84 -3.33 -25.41
C1 EDO H . 17.57 -1.92 -26.49
O1 EDO H . 17.06 -0.68 -27.00
C2 EDO H . 16.78 -3.08 -27.06
O2 EDO H . 17.08 -3.27 -28.44
C1 EDO I . 15.12 0.25 -29.31
O1 EDO I . 15.96 0.79 -28.28
C2 EDO I . 13.89 1.12 -29.50
O2 EDO I . 14.21 2.48 -29.89
C1 EDO J . 27.07 -17.07 2.37
O1 EDO J . 26.23 -17.47 1.28
C2 EDO J . 26.33 -16.05 3.23
O2 EDO J . 25.95 -14.93 2.42
MG MG K . -2.71 -4.32 -12.84
N1 IMD L . 9.41 -11.43 -18.83
C2 IMD L . 9.68 -11.68 -20.12
N3 IMD L . 8.51 -11.74 -20.81
C4 IMD L . 7.50 -11.51 -19.93
C5 IMD L . 8.07 -11.31 -18.69
CL CL M . -7.50 -5.45 -22.37
C13 3O6 N . -21.11 2.46 -4.63
C15 3O6 N . -18.93 3.52 -4.82
C20 3O6 N . -15.88 6.42 -6.08
C21 3O6 N . -14.56 6.10 -5.84
C24 3O6 N . -15.24 4.15 -4.65
C01 3O6 N . -20.52 1.40 -6.80
N02 3O6 N . -21.42 1.95 -5.81
N03 3O6 N . -22.76 2.03 -5.95
C04 3O6 N . -23.28 2.58 -4.88
C05 3O6 N . -22.25 2.87 -3.99
C06 3O6 N . -22.37 3.49 -2.76
C07 3O6 N . -21.57 4.59 -2.53
C08 3O6 N . -21.64 5.28 -1.34
C09 3O6 N . -22.52 4.85 -0.38
F10 3O6 N . -22.58 5.53 0.78
C11 3O6 N . -23.34 3.76 -0.59
C12 3O6 N . -23.25 3.07 -1.79
N14 3O6 N . -19.74 2.54 -4.16
O16 3O6 N . -19.39 4.23 -5.68
N17 3O6 N . -17.56 3.58 -4.37
C18 3O6 N . -16.55 4.48 -4.88
C19 3O6 N . -16.88 5.60 -5.60
F22 3O6 N . -13.57 6.91 -6.30
C23 3O6 N . -14.23 4.96 -5.13
C25 3O6 N . -24.75 2.83 -4.72
F26 3O6 N . -25.32 2.60 -5.93
F27 3O6 N . -24.93 4.13 -4.33
F28 3O6 N . -25.26 1.97 -3.80
C1 EDO O . -22.30 25.61 -5.88
O1 EDO O . -22.38 24.57 -6.87
C2 EDO O . -21.07 26.46 -6.16
O2 EDO O . -21.11 26.92 -7.51
C1 EDO P . -7.63 14.60 -8.82
O1 EDO P . -6.77 14.15 -7.76
C2 EDO P . -7.62 16.11 -8.86
O2 EDO P . -6.31 16.57 -9.22
C1 EDO Q . -28.06 4.68 -4.48
O1 EDO Q . -28.03 5.76 -3.54
C2 EDO Q . -27.83 5.24 -5.87
O2 EDO Q . -26.76 6.20 -5.85
C1 EDO R . -15.42 -11.69 26.87
O1 EDO R . -16.27 -12.29 25.87
C2 EDO R . -16.16 -10.56 27.57
O2 EDO R . -15.23 -9.61 28.10
C1 EDO S . -24.17 20.48 -2.39
O1 EDO S . -23.16 20.12 -1.44
C2 EDO S . -25.52 20.22 -1.75
O2 EDO S . -25.59 18.84 -1.37
C1 EDO T . -25.71 23.37 -6.78
O1 EDO T . -24.68 23.04 -7.72
C2 EDO T . -25.64 22.42 -5.59
O2 EDO T . -26.08 21.11 -5.98
C1 EDO U . -23.02 4.28 24.44
O1 EDO U . -21.70 4.09 24.99
C2 EDO U . -23.84 5.09 25.43
O2 EDO U . -23.96 4.35 26.66
N1 IMD V . -15.34 -6.68 -20.18
C2 IMD V . -14.52 -7.73 -20.38
N3 IMD V . -13.60 -7.41 -21.31
C4 IMD V . -13.83 -6.14 -21.71
C5 IMD V . -14.94 -5.68 -21.00
#